data_1W1L
#
_entry.id   1W1L
#
_cell.length_a   129.900
_cell.length_b   129.900
_cell.length_c   133.608
_cell.angle_alpha   90.00
_cell.angle_beta   90.00
_cell.angle_gamma   90.00
#
_symmetry.space_group_name_H-M   'I 4'
#
loop_
_entity.id
_entity.type
_entity.pdbx_description
1 polymer 'VANILLYL-ALCOHOL OXIDASE'
2 non-polymer 'FLAVIN-ADENINE DINUCLEOTIDE'
3 non-polymer 2-methoxy-4-[(1E)-prop-1-en-1-yl]phenol
#
_entity_poly.entity_id   1
_entity_poly.type   'polypeptide(L)'
_entity_poly.pdbx_seq_one_letter_code
;MSKTQEFRPLTLPPKLSLSDFNEFIQDIIRIVGSENVEVISSKDQIVDGSYMKPTHTHDPHHVMDQDYFLASAIVAPRNV
ADVQSIVGLANKFSFPLWPISIGRNSGYGGAAPRVSGSVVLDMGKNMNRVLEVNVEGAYCVVEPGVTYHDLHNYLEANNL
RDKLWLDVPDLGGGSVLGNAVERGVGYTPYGDHWMMHSGMEVVLANGELLRTGMGALPDPKRPETMGLKPEDQPWSKIAH
LFPYGFGPYIDGLFSQSNMGIVTKIGIWLMPNPRGYQSYLITLPKDGDLKQAVDIIRPLRLGMALQNVPTIRHILLDAAV
LGDKRSYSSRTEPLSDEELDKIAKQLNLGRWNFYGALYGPEPIRRVLWETIKDAFSAIPGVKFYFPEDTPENSVLRVRDK
TMQGIPTYDELKWIDWLPNGAHLFFSPIAKVSGEDAMMQYAVTKKRCQEAGLDYIGTFTVGMREMHHIVCIVFNKKDLIQ
KRKVQWLMRTLIDDCAANGWGEYRTHLAFMDQIMETYNWNNSSFLRFNEVLKNAVDPNGIIAPGKSGVWPSQYSHVTWKL
;
_entity_poly.pdbx_strand_id   A,B
#
loop_
_chem_comp.id
_chem_comp.type
_chem_comp.name
_chem_comp.formula
EUG non-polymer 2-methoxy-4-[(1E)-prop-1-en-1-yl]phenol 'C10 H12 O2'
FAD non-polymer 'FLAVIN-ADENINE DINUCLEOTIDE' 'C27 H33 N9 O15 P2'
#
# COMPACT_ATOMS: atom_id res chain seq x y z
N GLU A 6 -24.30 32.76 -14.87
CA GLU A 6 -25.72 32.31 -15.07
C GLU A 6 -26.49 32.27 -13.73
N PHE A 7 -27.82 32.45 -13.79
CA PHE A 7 -28.64 32.92 -12.64
C PHE A 7 -29.42 31.88 -11.79
N ARG A 8 -30.00 30.85 -12.43
CA ARG A 8 -30.97 29.96 -11.76
C ARG A 8 -30.74 28.43 -12.04
N PRO A 9 -30.05 27.73 -11.12
CA PRO A 9 -29.91 26.27 -11.23
C PRO A 9 -31.22 25.60 -10.84
N LEU A 10 -31.38 24.32 -11.16
CA LEU A 10 -32.59 23.61 -10.73
C LEU A 10 -32.47 23.26 -9.26
N THR A 11 -31.26 22.93 -8.83
CA THR A 11 -30.99 22.57 -7.45
C THR A 11 -29.91 23.45 -6.85
N LEU A 12 -30.20 24.02 -5.69
CA LEU A 12 -29.17 24.68 -4.92
C LEU A 12 -28.63 23.69 -3.88
N PRO A 13 -27.34 23.78 -3.64
CA PRO A 13 -26.67 23.11 -2.52
C PRO A 13 -27.30 23.49 -1.16
N PRO A 14 -27.23 22.64 -0.13
CA PRO A 14 -27.86 22.91 1.17
C PRO A 14 -27.48 24.25 1.82
N LYS A 15 -28.46 24.96 2.39
CA LYS A 15 -28.25 26.20 3.13
C LYS A 15 -27.74 27.37 2.27
N LEU A 16 -27.90 27.28 0.96
CA LEU A 16 -27.40 28.33 0.05
C LEU A 16 -28.53 29.11 -0.56
N SER A 17 -28.29 30.41 -0.76
CA SER A 17 -29.26 31.31 -1.36
C SER A 17 -28.96 31.57 -2.83
N LEU A 18 -29.99 32.01 -3.53
CA LEU A 18 -29.86 32.35 -4.95
C LEU A 18 -28.87 33.50 -5.18
N SER A 19 -28.88 34.50 -4.30
CA SER A 19 -27.95 35.61 -4.45
C SER A 19 -26.54 35.15 -4.25
N ASP A 20 -26.32 34.44 -3.14
CA ASP A 20 -25.02 33.82 -2.85
C ASP A 20 -24.55 32.93 -4.01
N PHE A 21 -25.43 32.06 -4.50
CA PHE A 21 -25.09 31.23 -5.66
C PHE A 21 -24.57 32.01 -6.87
N ASN A 22 -25.28 33.07 -7.29
CA ASN A 22 -24.80 33.93 -8.40
C ASN A 22 -23.48 34.63 -8.12
N GLU A 23 -23.29 35.13 -6.90
CA GLU A 23 -22.00 35.72 -6.55
C GLU A 23 -20.93 34.67 -6.76
N PHE A 24 -21.12 33.49 -6.19
CA PHE A 24 -20.17 32.41 -6.35
C PHE A 24 -19.89 32.20 -7.84
N ILE A 25 -20.95 31.97 -8.63
CA ILE A 25 -20.77 31.73 -10.07
C ILE A 25 -20.13 32.89 -10.86
N GLN A 26 -20.56 34.13 -10.61
CA GLN A 26 -19.96 35.29 -11.31
C GLN A 26 -18.50 35.39 -10.92
N ASP A 27 -18.26 35.11 -9.63
CA ASP A 27 -16.93 34.99 -9.02
C ASP A 27 -16.11 33.95 -9.78
N ILE A 28 -16.62 32.72 -9.88
CA ILE A 28 -15.89 31.62 -10.52
C ILE A 28 -15.59 31.91 -11.98
N ILE A 29 -16.52 32.62 -12.64
CA ILE A 29 -16.37 32.92 -14.05
C ILE A 29 -15.18 33.80 -14.26
N ARG A 30 -15.06 34.84 -13.45
CA ARG A 30 -13.91 35.77 -13.47
C ARG A 30 -12.55 35.08 -13.41
N ILE A 31 -12.50 33.93 -12.73
CA ILE A 31 -11.26 33.17 -12.66
C ILE A 31 -11.07 32.35 -13.94
N VAL A 32 -11.99 31.44 -14.19
CA VAL A 32 -11.82 30.42 -15.21
C VAL A 32 -12.38 30.78 -16.60
N GLY A 33 -13.00 31.96 -16.72
CA GLY A 33 -13.58 32.37 -18.00
C GLY A 33 -14.85 31.58 -18.32
N SER A 34 -15.81 32.25 -18.96
CA SER A 34 -17.16 31.69 -19.02
C SER A 34 -17.19 30.38 -19.78
N GLU A 35 -16.21 30.17 -20.68
CA GLU A 35 -16.15 28.96 -21.52
C GLU A 35 -15.91 27.68 -20.72
N ASN A 36 -15.52 27.85 -19.46
CA ASN A 36 -15.26 26.72 -18.54
C ASN A 36 -16.25 26.64 -17.39
N VAL A 37 -17.43 27.24 -17.55
CA VAL A 37 -18.46 27.23 -16.51
C VAL A 37 -19.83 27.01 -17.15
N GLU A 38 -20.64 26.12 -16.59
CA GLU A 38 -22.00 25.93 -17.08
C GLU A 38 -22.91 25.71 -15.89
N VAL A 39 -24.01 26.45 -15.84
CA VAL A 39 -25.03 26.28 -14.83
C VAL A 39 -26.13 25.38 -15.40
N ILE A 40 -26.87 24.66 -14.57
CA ILE A 40 -27.88 23.73 -15.09
C ILE A 40 -29.26 24.26 -14.77
N SER A 41 -30.10 24.47 -15.81
CA SER A 41 -31.41 25.15 -15.62
C SER A 41 -32.73 24.49 -16.16
N VAL A 47 -29.90 15.14 -19.81
CA VAL A 47 -29.31 14.43 -20.96
C VAL A 47 -28.19 13.40 -20.64
N ASP A 48 -28.53 12.11 -20.75
CA ASP A 48 -27.63 10.99 -20.40
C ASP A 48 -26.24 10.92 -21.09
N GLY A 49 -26.09 11.57 -22.23
CA GLY A 49 -24.81 11.54 -22.92
C GLY A 49 -24.40 10.11 -23.22
N SER A 50 -23.15 9.93 -23.64
CA SER A 50 -22.63 8.64 -24.10
C SER A 50 -21.38 8.28 -23.31
N TYR A 51 -20.75 7.16 -23.59
CA TYR A 51 -19.46 6.89 -22.96
C TYR A 51 -18.37 7.69 -23.67
N MET A 52 -18.48 7.80 -24.99
CA MET A 52 -17.46 8.54 -25.74
C MET A 52 -17.53 10.05 -25.44
N LYS A 53 -18.71 10.55 -25.06
CA LYS A 53 -18.80 11.91 -24.50
C LYS A 53 -19.65 11.93 -23.21
N PRO A 54 -19.01 11.62 -22.05
CA PRO A 54 -19.73 11.51 -20.77
C PRO A 54 -20.42 12.81 -20.34
N THR A 55 -21.55 12.65 -19.64
CA THR A 55 -22.17 13.79 -19.00
C THR A 55 -21.45 14.12 -17.71
N HIS A 56 -21.75 15.30 -17.17
CA HIS A 56 -21.05 15.80 -16.00
C HIS A 56 -22.08 16.31 -15.01
N THR A 57 -23.36 16.02 -15.24
CA THR A 57 -24.40 16.65 -14.44
C THR A 57 -25.12 15.68 -13.48
N HIS A 58 -25.03 14.38 -13.78
CA HIS A 58 -25.83 13.39 -13.10
C HIS A 58 -25.36 12.00 -13.46
N ASP A 59 -26.12 10.99 -13.00
CA ASP A 59 -25.80 9.58 -13.20
C ASP A 59 -26.47 9.08 -14.49
N PRO A 60 -25.67 8.75 -15.51
CA PRO A 60 -26.23 8.41 -16.83
C PRO A 60 -26.87 7.03 -16.89
N HIS A 61 -26.45 6.16 -15.97
CA HIS A 61 -26.98 4.82 -15.76
C HIS A 61 -27.77 4.82 -14.46
N HIS A 62 -28.65 5.81 -14.35
CA HIS A 62 -29.53 6.01 -13.20
C HIS A 62 -30.43 4.81 -12.83
N VAL A 63 -30.37 4.45 -11.55
CA VAL A 63 -31.30 3.51 -10.90
C VAL A 63 -32.35 4.34 -10.15
N MET A 64 -31.93 5.45 -9.57
CA MET A 64 -32.87 6.42 -9.02
C MET A 64 -33.39 7.30 -10.15
N ASP A 65 -34.22 8.29 -9.85
CA ASP A 65 -34.65 9.18 -10.94
C ASP A 65 -33.43 9.73 -11.66
N GLN A 66 -33.61 9.91 -12.96
CA GLN A 66 -32.63 10.61 -13.81
C GLN A 66 -31.93 11.77 -13.11
N ASP A 67 -32.68 12.50 -12.29
CA ASP A 67 -32.19 13.74 -11.72
C ASP A 67 -32.12 13.65 -10.18
N TYR A 68 -31.92 12.45 -9.67
CA TYR A 68 -31.67 12.29 -8.24
C TYR A 68 -30.29 12.85 -7.76
N PHE A 69 -29.21 12.55 -8.49
CA PHE A 69 -27.92 13.20 -8.21
C PHE A 69 -27.64 14.15 -9.35
N LEU A 70 -27.86 15.45 -9.07
CA LEU A 70 -27.79 16.52 -10.06
C LEU A 70 -26.91 17.69 -9.57
N ALA A 71 -25.99 18.13 -10.42
CA ALA A 71 -25.15 19.28 -10.12
C ALA A 71 -25.93 20.58 -10.26
N SER A 72 -25.50 21.61 -9.51
CA SER A 72 -25.99 22.96 -9.75
C SER A 72 -25.28 23.56 -10.96
N ALA A 73 -24.03 23.13 -11.16
CA ALA A 73 -23.18 23.59 -12.25
C ALA A 73 -21.95 22.70 -12.40
N ILE A 74 -21.25 22.83 -13.53
CA ILE A 74 -19.94 22.21 -13.76
C ILE A 74 -18.88 23.29 -13.87
N VAL A 75 -17.64 22.98 -13.46
CA VAL A 75 -16.56 23.97 -13.52
C VAL A 75 -15.25 23.32 -13.93
N ALA A 76 -14.65 23.83 -15.01
CA ALA A 76 -13.39 23.28 -15.48
C ALA A 76 -12.25 24.25 -15.12
N PRO A 77 -11.47 23.95 -14.07
CA PRO A 77 -10.31 24.81 -13.74
C PRO A 77 -9.21 24.58 -14.77
N ARG A 78 -8.55 25.66 -15.18
CA ARG A 78 -7.53 25.66 -16.22
C ARG A 78 -6.26 24.96 -15.73
N ASN A 79 -6.05 25.01 -14.42
CA ASN A 79 -4.82 24.55 -13.76
C ASN A 79 -5.05 24.54 -12.24
N VAL A 80 -3.96 24.23 -11.51
CA VAL A 80 -4.00 24.02 -10.05
C VAL A 80 -4.40 25.28 -9.28
N ALA A 81 -3.78 26.41 -9.60
CA ALA A 81 -4.17 27.67 -8.99
C ALA A 81 -5.68 27.81 -8.96
N ASP A 82 -6.35 27.52 -10.10
CA ASP A 82 -7.81 27.63 -10.21
C ASP A 82 -8.52 26.74 -9.16
N VAL A 83 -8.02 25.52 -8.99
CA VAL A 83 -8.53 24.60 -7.98
C VAL A 83 -8.43 25.25 -6.59
N GLN A 84 -7.30 25.89 -6.32
CA GLN A 84 -7.11 26.59 -5.04
C GLN A 84 -8.05 27.75 -4.91
N SER A 85 -8.07 28.59 -5.95
CA SER A 85 -9.04 29.67 -6.14
C SER A 85 -10.50 29.19 -5.91
N ILE A 86 -10.93 28.17 -6.65
CA ILE A 86 -12.24 27.56 -6.34
C ILE A 86 -12.38 27.07 -4.88
N VAL A 87 -11.54 26.15 -4.41
CA VAL A 87 -11.61 25.72 -3.00
C VAL A 87 -11.91 26.87 -2.02
N GLY A 88 -11.22 28.00 -2.19
CA GLY A 88 -11.32 29.15 -1.31
C GLY A 88 -12.69 29.78 -1.33
N LEU A 89 -13.26 29.93 -2.53
CA LEU A 89 -14.63 30.37 -2.63
C LEU A 89 -15.60 29.36 -1.99
N ALA A 90 -15.45 28.07 -2.23
CA ALA A 90 -16.29 27.09 -1.52
C ALA A 90 -16.25 27.13 0.04
N ASN A 91 -15.08 27.44 0.62
CA ASN A 91 -14.97 27.69 2.07
C ASN A 91 -15.57 29.02 2.47
N LYS A 92 -15.46 30.00 1.57
CA LYS A 92 -16.18 31.26 1.71
C LYS A 92 -17.68 31.01 1.79
N PHE A 93 -18.26 30.44 0.75
CA PHE A 93 -19.71 30.34 0.64
C PHE A 93 -20.29 29.04 1.21
N SER A 94 -19.45 28.12 1.63
CA SER A 94 -19.90 26.84 2.14
C SER A 94 -20.63 26.08 1.01
N PHE A 95 -19.85 25.42 0.17
CA PHE A 95 -20.35 25.00 -1.13
C PHE A 95 -19.80 23.62 -1.52
N PRO A 96 -20.63 22.58 -1.46
CA PRO A 96 -20.20 21.25 -1.86
C PRO A 96 -19.45 21.23 -3.18
N LEU A 97 -18.19 20.74 -3.18
CA LEU A 97 -17.51 20.42 -4.47
C LEU A 97 -17.55 18.92 -4.72
N TRP A 98 -17.59 18.55 -5.99
CA TRP A 98 -17.49 17.13 -6.38
C TRP A 98 -16.46 16.89 -7.52
N PRO A 99 -15.21 16.67 -7.13
CA PRO A 99 -14.11 16.47 -8.09
C PRO A 99 -14.21 15.21 -8.94
N ILE A 100 -14.21 15.37 -10.26
CA ILE A 100 -13.97 14.24 -11.17
C ILE A 100 -12.76 14.48 -12.11
N SER A 101 -12.23 13.42 -12.70
CA SER A 101 -11.21 13.54 -13.75
C SER A 101 -11.86 13.42 -15.15
N ILE A 102 -12.62 12.34 -15.34
CA ILE A 102 -13.20 12.04 -16.63
C ILE A 102 -14.69 11.86 -16.49
N GLY A 103 -15.11 11.20 -15.41
CA GLY A 103 -16.52 11.08 -15.11
C GLY A 103 -17.07 9.87 -15.81
N ARG A 104 -16.19 8.95 -16.19
CA ARG A 104 -16.62 7.69 -16.76
C ARG A 104 -16.86 6.64 -15.64
N ASN A 105 -17.30 7.04 -14.45
CA ASN A 105 -17.53 6.06 -13.37
C ASN A 105 -18.93 5.42 -13.42
N SER A 106 -19.39 5.09 -14.66
CA SER A 106 -20.69 4.43 -14.87
C SER A 106 -20.70 3.10 -14.13
N GLY A 107 -21.85 2.70 -13.63
CA GLY A 107 -21.98 1.54 -12.79
C GLY A 107 -21.76 1.89 -11.32
N TYR A 108 -21.44 3.17 -11.07
CA TYR A 108 -20.97 3.62 -9.77
C TYR A 108 -21.41 5.04 -9.52
N GLY A 109 -22.15 5.59 -10.49
CA GLY A 109 -22.68 6.94 -10.42
C GLY A 109 -22.31 7.82 -11.60
N GLY A 110 -21.20 7.51 -12.27
CA GLY A 110 -20.64 8.41 -13.26
C GLY A 110 -20.22 9.71 -12.59
N ALA A 111 -20.39 10.82 -13.28
CA ALA A 111 -19.96 12.11 -12.74
C ALA A 111 -20.86 12.64 -11.63
N ALA A 112 -22.02 12.02 -11.43
CA ALA A 112 -23.01 12.56 -10.53
C ALA A 112 -22.38 12.86 -9.15
N PRO A 113 -22.86 13.94 -8.50
CA PRO A 113 -22.36 14.31 -7.17
C PRO A 113 -23.22 13.67 -6.09
N ARG A 114 -22.65 13.01 -5.08
CA ARG A 114 -23.50 12.40 -4.04
C ARG A 114 -24.58 13.37 -3.56
N VAL A 115 -24.17 14.59 -3.17
CA VAL A 115 -25.10 15.68 -2.74
C VAL A 115 -25.54 16.53 -3.97
N SER A 116 -26.86 16.65 -4.21
CA SER A 116 -27.36 17.50 -5.30
C SER A 116 -27.05 18.98 -5.05
N GLY A 117 -27.05 19.81 -6.09
CA GLY A 117 -26.57 21.19 -5.94
C GLY A 117 -25.05 21.36 -5.78
N SER A 118 -24.30 20.25 -5.78
CA SER A 118 -22.82 20.30 -5.65
C SER A 118 -22.38 20.93 -6.95
N VAL A 119 -21.17 21.49 -6.96
CA VAL A 119 -20.52 21.93 -8.19
C VAL A 119 -19.76 20.72 -8.71
N VAL A 120 -19.93 20.40 -9.99
CA VAL A 120 -19.09 19.32 -10.50
C VAL A 120 -17.80 19.95 -11.02
N LEU A 121 -16.69 19.53 -10.42
CA LEU A 121 -15.37 20.02 -10.83
C LEU A 121 -14.81 19.07 -11.88
N ASP A 122 -14.90 19.51 -13.12
CA ASP A 122 -14.38 18.76 -14.25
C ASP A 122 -12.89 19.09 -14.29
N MET A 123 -12.14 18.29 -13.54
CA MET A 123 -10.69 18.34 -13.53
C MET A 123 -10.05 17.90 -14.84
N GLY A 124 -10.73 17.06 -15.64
CA GLY A 124 -10.14 16.49 -16.84
C GLY A 124 -10.00 17.38 -18.08
N LYS A 125 -10.94 18.32 -18.27
CA LYS A 125 -11.04 19.09 -19.51
C LYS A 125 -9.76 19.81 -19.85
N ASN A 126 -9.23 20.62 -18.92
CA ASN A 126 -7.95 21.30 -19.18
C ASN A 126 -6.72 20.70 -18.50
N MET A 127 -6.92 19.92 -17.44
CA MET A 127 -5.80 19.33 -16.69
C MET A 127 -5.58 17.90 -17.17
N ASN A 128 -4.64 17.86 -18.10
CA ASN A 128 -4.67 17.05 -19.29
C ASN A 128 -3.39 16.31 -19.63
N ARG A 129 -2.29 16.77 -19.06
CA ARG A 129 -0.96 16.49 -19.55
C ARG A 129 -0.38 15.20 -18.94
N VAL A 130 0.15 14.37 -19.85
CA VAL A 130 1.12 13.35 -19.51
C VAL A 130 2.33 14.18 -19.12
N LEU A 131 2.58 14.30 -17.82
CA LEU A 131 3.66 15.18 -17.37
C LEU A 131 5.05 14.57 -17.56
N GLU A 132 5.15 13.25 -17.49
CA GLU A 132 6.47 12.61 -17.56
C GLU A 132 6.27 11.18 -18.00
N VAL A 133 7.21 10.66 -18.79
CA VAL A 133 7.33 9.22 -18.90
C VAL A 133 8.83 9.01 -18.83
N ASN A 134 9.29 8.41 -17.72
CA ASN A 134 10.70 8.18 -17.34
C ASN A 134 11.09 6.73 -17.63
N VAL A 135 11.94 6.52 -18.63
CA VAL A 135 12.23 5.16 -19.07
C VAL A 135 13.06 4.39 -18.06
N GLU A 136 14.08 5.00 -17.47
CA GLU A 136 14.86 4.17 -16.54
C GLU A 136 14.10 3.82 -15.29
N GLY A 137 13.24 4.73 -14.85
CA GLY A 137 12.49 4.56 -13.61
C GLY A 137 11.25 3.76 -13.86
N ALA A 138 10.87 3.69 -15.14
CA ALA A 138 9.75 2.84 -15.58
C ALA A 138 8.46 3.15 -14.82
N TYR A 139 8.21 4.45 -14.69
CA TYR A 139 6.94 5.00 -14.24
C TYR A 139 6.46 6.14 -15.18
N CYS A 140 5.26 6.66 -14.93
CA CYS A 140 4.83 7.93 -15.53
C CYS A 140 4.12 8.86 -14.54
N VAL A 141 3.87 10.09 -14.98
CA VAL A 141 3.21 11.12 -14.19
C VAL A 141 2.20 11.86 -15.06
N VAL A 142 1.04 12.07 -14.46
CA VAL A 142 -0.21 12.08 -15.11
C VAL A 142 -1.13 13.06 -14.41
N GLU A 143 -1.90 13.84 -15.20
CA GLU A 143 -2.92 14.77 -14.70
C GLU A 143 -4.31 14.08 -14.79
N PRO A 144 -5.32 14.63 -14.13
CA PRO A 144 -6.63 13.96 -14.06
C PRO A 144 -7.15 13.51 -15.39
N GLY A 145 -6.94 14.29 -16.46
CA GLY A 145 -7.51 14.04 -17.77
C GLY A 145 -6.73 13.12 -18.70
N VAL A 146 -5.60 12.59 -18.26
CA VAL A 146 -4.91 11.65 -19.15
C VAL A 146 -5.62 10.32 -19.10
N THR A 147 -6.43 9.99 -20.11
CA THR A 147 -7.08 8.66 -20.21
C THR A 147 -6.06 7.60 -20.48
N TYR A 148 -6.46 6.38 -20.19
CA TYR A 148 -5.71 5.25 -20.68
C TYR A 148 -5.34 5.46 -22.17
N HIS A 149 -6.33 5.47 -23.05
CA HIS A 149 -6.11 5.74 -24.47
C HIS A 149 -5.16 6.89 -24.81
N ASP A 150 -5.46 8.09 -24.30
CA ASP A 150 -4.50 9.20 -24.25
C ASP A 150 -3.09 8.76 -23.92
N LEU A 151 -2.88 8.18 -22.74
CA LEU A 151 -1.54 7.77 -22.35
C LEU A 151 -1.01 6.71 -23.33
N HIS A 152 -1.90 5.83 -23.82
CA HIS A 152 -1.50 4.89 -24.84
C HIS A 152 -0.95 5.68 -26.03
N ASN A 153 -1.76 6.58 -26.58
CA ASN A 153 -1.26 7.38 -27.71
C ASN A 153 0.06 8.08 -27.42
N TYR A 154 0.17 8.73 -26.26
CA TYR A 154 1.42 9.44 -25.94
C TYR A 154 2.62 8.54 -26.17
N LEU A 155 2.49 7.27 -25.76
CA LEU A 155 3.57 6.29 -25.87
C LEU A 155 4.00 6.03 -27.29
N GLU A 156 3.03 5.96 -28.19
CA GLU A 156 3.31 5.65 -29.60
C GLU A 156 3.95 6.84 -30.31
N ALA A 157 3.45 8.04 -30.02
CA ALA A 157 4.04 9.25 -30.60
C ALA A 157 5.51 9.43 -30.20
N ASN A 158 5.96 8.74 -29.15
CA ASN A 158 7.39 8.79 -28.79
C ASN A 158 8.13 7.43 -28.85
N ASN A 159 7.67 6.56 -29.75
CA ASN A 159 8.22 5.22 -30.00
C ASN A 159 8.53 4.34 -28.76
N LEU A 160 7.97 4.73 -27.59
CA LEU A 160 8.22 4.08 -26.30
C LEU A 160 7.46 2.75 -26.07
N ARG A 161 6.51 2.42 -26.96
CA ARG A 161 5.72 1.20 -26.83
C ARG A 161 6.60 -0.02 -26.92
N ASP A 162 7.78 0.17 -27.49
CA ASP A 162 8.81 -0.87 -27.57
C ASP A 162 9.53 -1.08 -26.22
N LYS A 163 9.16 -0.27 -25.22
CA LYS A 163 9.89 -0.24 -23.96
C LYS A 163 8.97 -0.39 -22.76
N LEU A 164 7.85 0.33 -22.76
CA LEU A 164 6.99 0.35 -21.57
C LEU A 164 5.54 0.03 -21.86
N TRP A 165 4.95 -0.91 -21.12
CA TRP A 165 3.54 -1.24 -21.33
C TRP A 165 2.62 -0.60 -20.30
N LEU A 166 1.40 -0.33 -20.75
CA LEU A 166 0.30 0.15 -19.90
C LEU A 166 -0.40 -1.01 -19.24
N ASP A 167 -1.16 -0.73 -18.18
CA ASP A 167 -2.07 -1.74 -17.66
C ASP A 167 -3.44 -1.13 -17.64
N VAL A 168 -4.37 -1.72 -18.38
CA VAL A 168 -5.67 -1.09 -18.62
C VAL A 168 -6.84 -1.88 -18.05
N PRO A 169 -7.89 -1.13 -17.68
CA PRO A 169 -9.16 -1.70 -17.24
C PRO A 169 -9.83 -2.22 -18.49
N ASP A 170 -11.08 -2.68 -18.38
CA ASP A 170 -11.81 -3.30 -19.49
C ASP A 170 -12.15 -2.33 -20.61
N LEU A 171 -11.87 -1.04 -20.42
CA LEU A 171 -12.06 -0.02 -21.46
C LEU A 171 -10.92 1.00 -21.53
N GLY A 172 -10.93 1.77 -22.63
CA GLY A 172 -9.87 2.70 -23.00
C GLY A 172 -9.97 4.10 -22.42
N GLY A 173 -11.17 4.47 -21.96
CA GLY A 173 -11.47 5.86 -21.66
C GLY A 173 -11.30 6.38 -20.25
N GLY A 174 -11.20 5.49 -19.27
CA GLY A 174 -11.12 5.89 -17.87
C GLY A 174 -9.95 6.82 -17.67
N SER A 175 -9.94 7.57 -16.56
CA SER A 175 -8.78 8.38 -16.19
C SER A 175 -7.75 7.51 -15.47
N VAL A 176 -6.51 7.52 -15.95
CA VAL A 176 -5.43 6.71 -15.37
C VAL A 176 -5.40 6.84 -13.86
N LEU A 177 -5.45 8.08 -13.40
CA LEU A 177 -5.42 8.44 -12.00
C LEU A 177 -6.82 8.41 -11.37
N GLY A 178 -7.85 8.73 -12.16
CA GLY A 178 -9.22 8.60 -11.70
C GLY A 178 -9.49 7.18 -11.25
N ASN A 179 -9.31 6.22 -12.18
CA ASN A 179 -9.34 4.78 -11.84
C ASN A 179 -8.54 4.40 -10.60
N ALA A 180 -7.39 5.05 -10.46
CA ALA A 180 -6.38 4.60 -9.53
C ALA A 180 -6.78 4.92 -8.10
N VAL A 181 -7.41 6.04 -7.88
CA VAL A 181 -7.82 6.38 -6.52
C VAL A 181 -9.16 5.74 -6.20
N GLU A 182 -9.84 5.19 -7.19
CA GLU A 182 -11.05 4.40 -6.96
C GLU A 182 -10.62 2.96 -6.67
N ARG A 183 -9.29 2.75 -6.64
CA ARG A 183 -8.63 1.43 -6.39
C ARG A 183 -9.05 0.33 -7.38
N GLY A 184 -9.26 0.77 -8.61
CA GLY A 184 -9.70 -0.09 -9.69
C GLY A 184 -8.66 -1.11 -10.15
N VAL A 185 -8.99 -1.81 -11.23
CA VAL A 185 -8.30 -3.03 -11.55
C VAL A 185 -8.15 -3.24 -13.08
N GLY A 186 -6.93 -3.56 -13.50
CA GLY A 186 -6.65 -3.97 -14.86
C GLY A 186 -6.08 -5.38 -14.80
N TYR A 187 -5.35 -5.79 -15.83
CA TYR A 187 -5.14 -7.22 -16.03
C TYR A 187 -3.80 -7.67 -16.56
N THR A 188 -2.77 -6.83 -16.40
CA THR A 188 -1.36 -7.25 -16.47
C THR A 188 -0.79 -7.42 -15.03
N PRO A 189 0.45 -7.86 -14.85
CA PRO A 189 0.98 -7.94 -13.47
C PRO A 189 0.80 -6.61 -12.68
N TYR A 190 0.45 -5.54 -13.42
CA TYR A 190 0.34 -4.21 -12.83
C TYR A 190 -1.11 -3.79 -12.65
N GLY A 191 -1.98 -4.81 -12.52
CA GLY A 191 -3.42 -4.66 -12.44
C GLY A 191 -3.99 -4.12 -11.13
N ASP A 192 -3.28 -4.32 -10.03
CA ASP A 192 -3.61 -3.57 -8.83
C ASP A 192 -3.15 -2.11 -9.08
N HIS A 193 -4.09 -1.25 -9.48
CA HIS A 193 -3.76 0.08 -9.98
C HIS A 193 -3.35 0.98 -8.81
N TRP A 194 -4.14 0.96 -7.74
CA TRP A 194 -3.77 1.71 -6.56
C TRP A 194 -2.31 1.42 -6.08
N MET A 195 -1.96 0.13 -5.91
CA MET A 195 -0.58 -0.31 -5.55
C MET A 195 0.52 0.07 -6.55
N MET A 196 0.19 0.74 -7.66
CA MET A 196 1.24 1.15 -8.62
C MET A 196 1.61 2.65 -8.65
N HIS A 197 0.91 3.43 -7.81
CA HIS A 197 1.14 4.86 -7.61
C HIS A 197 2.34 5.09 -6.75
N SER A 198 2.97 6.23 -6.96
CA SER A 198 3.94 6.71 -5.98
C SER A 198 4.08 8.16 -6.26
N GLY A 199 3.79 8.96 -5.24
CA GLY A 199 4.03 10.39 -5.27
C GLY A 199 2.82 10.99 -5.92
N MET A 200 1.88 11.46 -5.09
CA MET A 200 0.70 12.16 -5.57
C MET A 200 0.60 13.61 -5.05
N GLU A 201 -0.05 14.47 -5.83
CA GLU A 201 -0.26 15.86 -5.50
C GLU A 201 -1.75 16.11 -5.33
N VAL A 202 -2.06 16.94 -4.35
CA VAL A 202 -3.38 16.98 -3.74
C VAL A 202 -3.60 18.43 -3.35
N VAL A 203 -4.81 18.92 -3.59
CA VAL A 203 -5.27 20.16 -2.97
C VAL A 203 -6.22 19.72 -1.84
N LEU A 204 -5.99 20.25 -0.64
CA LEU A 204 -6.78 19.93 0.56
C LEU A 204 -8.05 20.76 0.69
N ALA A 205 -8.98 20.32 1.51
CA ALA A 205 -10.16 21.12 1.81
C ALA A 205 -9.78 22.59 2.18
N ASN A 206 -8.72 22.77 2.98
CA ASN A 206 -8.21 24.14 3.29
C ASN A 206 -7.63 24.93 2.09
N GLY A 207 -7.26 24.25 1.02
CA GLY A 207 -6.71 24.92 -0.14
C GLY A 207 -5.21 24.76 -0.37
N GLU A 208 -4.52 24.25 0.64
CA GLU A 208 -3.08 24.17 0.60
C GLU A 208 -2.71 22.98 -0.28
N LEU A 209 -1.62 23.09 -1.03
CA LEU A 209 -1.14 22.02 -1.91
C LEU A 209 -0.20 21.08 -1.19
N LEU A 210 -0.49 19.79 -1.30
CA LEU A 210 0.37 18.77 -0.71
C LEU A 210 0.92 17.80 -1.79
N ARG A 211 2.09 17.21 -1.53
CA ARG A 211 2.62 16.12 -2.33
C ARG A 211 3.01 15.00 -1.36
N THR A 212 2.75 13.76 -1.76
CA THR A 212 2.89 12.62 -0.84
C THR A 212 4.25 11.93 -0.98
N GLY A 213 4.58 11.13 0.04
CA GLY A 213 5.73 10.25 0.04
C GLY A 213 7.03 10.98 -0.21
N MET A 214 7.83 10.43 -1.13
CA MET A 214 9.06 11.10 -1.51
C MET A 214 8.80 12.41 -2.24
N GLY A 215 7.53 12.66 -2.59
CA GLY A 215 7.10 13.94 -3.15
C GLY A 215 7.22 15.09 -2.16
N ALA A 216 7.51 14.76 -0.89
CA ALA A 216 7.64 15.80 0.11
C ALA A 216 9.08 16.28 0.22
N LEU A 217 10.01 15.48 -0.28
CA LEU A 217 11.41 15.88 -0.37
C LEU A 217 11.50 16.79 -1.60
N PRO A 218 11.79 18.06 -1.41
CA PRO A 218 11.72 18.96 -2.54
C PRO A 218 12.95 18.71 -3.40
N ASP A 219 12.84 18.98 -4.71
CA ASP A 219 13.97 18.91 -5.61
C ASP A 219 14.94 20.01 -5.18
N PRO A 220 16.23 19.71 -5.22
CA PRO A 220 17.24 20.74 -4.91
C PRO A 220 17.14 21.89 -5.89
N LYS A 221 17.61 23.07 -5.46
CA LYS A 221 17.41 24.26 -6.26
C LYS A 221 18.44 24.34 -7.39
N ARG A 222 18.02 24.97 -8.48
CA ARG A 222 18.90 25.27 -9.63
C ARG A 222 18.25 26.41 -10.41
N PRO A 223 19.05 27.18 -11.15
CA PRO A 223 18.52 28.33 -11.92
C PRO A 223 17.25 28.00 -12.71
N GLU A 224 17.29 26.94 -13.52
CA GLU A 224 16.18 26.57 -14.45
C GLU A 224 14.74 26.48 -13.84
N THR A 225 14.64 26.35 -12.50
CA THR A 225 13.34 26.09 -11.86
C THR A 225 12.96 27.10 -10.77
N MET A 226 13.80 28.12 -10.64
CA MET A 226 13.57 29.23 -9.72
C MET A 226 12.27 29.95 -10.09
N GLY A 227 11.45 30.23 -9.08
CA GLY A 227 10.33 31.13 -9.26
C GLY A 227 9.09 30.40 -9.67
N LEU A 228 9.20 29.08 -9.74
CA LEU A 228 8.08 28.25 -10.13
C LEU A 228 7.07 28.07 -8.98
N LYS A 229 5.80 28.35 -9.25
CA LYS A 229 4.74 28.09 -8.26
C LYS A 229 4.76 26.59 -8.01
N PRO A 230 4.60 26.20 -6.74
CA PRO A 230 4.67 24.79 -6.29
C PRO A 230 4.14 23.73 -7.30
N GLU A 231 2.84 23.77 -7.55
CA GLU A 231 2.18 23.12 -8.71
C GLU A 231 3.13 22.79 -9.87
N ASP A 232 3.92 23.78 -10.30
CA ASP A 232 4.74 23.62 -11.50
C ASP A 232 6.19 23.18 -11.22
N GLN A 233 6.51 22.89 -9.96
CA GLN A 233 7.89 22.52 -9.61
C GLN A 233 8.13 21.09 -10.03
N PRO A 234 9.37 20.75 -10.38
CA PRO A 234 9.68 19.36 -10.66
C PRO A 234 9.65 18.55 -9.35
N TRP A 235 9.84 17.24 -9.46
CA TRP A 235 9.82 16.35 -8.30
C TRP A 235 11.24 15.83 -8.09
N SER A 236 11.62 15.58 -6.85
CA SER A 236 12.89 14.95 -6.57
C SER A 236 12.98 13.54 -7.16
N LYS A 237 14.22 13.10 -7.40
CA LYS A 237 14.50 11.82 -8.05
C LYS A 237 13.66 10.62 -7.60
N ILE A 238 13.45 10.44 -6.29
CA ILE A 238 12.80 9.22 -5.76
C ILE A 238 11.29 9.41 -5.65
N ALA A 239 10.78 10.58 -6.04
CA ALA A 239 9.35 10.87 -5.87
C ALA A 239 8.41 9.79 -6.44
N HIS A 240 8.75 9.24 -7.60
CA HIS A 240 7.86 8.28 -8.23
C HIS A 240 8.43 6.91 -8.32
N LEU A 241 9.17 6.54 -7.29
CA LEU A 241 9.95 5.32 -7.27
C LEU A 241 9.72 4.56 -5.98
N PHE A 242 9.48 5.32 -4.91
CA PHE A 242 9.33 4.80 -3.56
C PHE A 242 8.15 5.56 -2.91
N PRO A 243 7.03 4.86 -2.69
CA PRO A 243 5.80 5.54 -2.20
C PRO A 243 5.92 6.02 -0.75
N TYR A 244 6.54 5.20 0.10
CA TYR A 244 6.57 5.40 1.54
C TYR A 244 7.00 6.76 2.04
N GLY A 245 7.97 7.40 1.40
CA GLY A 245 8.62 8.57 1.99
C GLY A 245 9.17 8.32 3.41
N PHE A 246 8.74 9.17 4.35
CA PHE A 246 9.14 9.05 5.74
C PHE A 246 7.92 9.45 6.53
N GLY A 247 7.62 8.75 7.62
CA GLY A 247 6.52 9.15 8.49
C GLY A 247 5.23 8.33 8.38
N PRO A 248 4.14 8.92 8.87
CA PRO A 248 2.83 8.30 8.68
C PRO A 248 2.53 8.32 7.17
N TYR A 249 2.10 7.17 6.67
CA TYR A 249 1.93 6.96 5.24
C TYR A 249 0.48 7.27 4.84
N ILE A 250 0.24 8.54 4.57
CA ILE A 250 -1.13 9.04 4.42
C ILE A 250 -1.78 8.71 3.07
N ASP A 251 -0.96 8.28 2.11
CA ASP A 251 -1.44 8.14 0.73
C ASP A 251 -2.84 7.54 0.55
N GLY A 252 -3.11 6.47 1.28
CA GLY A 252 -4.36 5.76 1.17
C GLY A 252 -5.54 6.56 1.66
N LEU A 253 -5.27 7.50 2.57
CA LEU A 253 -6.22 8.52 2.93
C LEU A 253 -6.89 9.26 1.73
N PHE A 254 -6.34 9.13 0.51
CA PHE A 254 -6.90 9.84 -0.63
C PHE A 254 -7.58 8.95 -1.69
N SER A 255 -7.55 7.64 -1.46
CA SER A 255 -8.28 6.71 -2.33
C SER A 255 -9.66 6.42 -1.73
N GLN A 256 -10.68 6.48 -2.57
CA GLN A 256 -12.05 6.22 -2.15
C GLN A 256 -12.55 7.01 -0.92
N SER A 257 -12.02 8.23 -0.75
CA SER A 257 -12.38 9.14 0.34
C SER A 257 -12.66 10.53 -0.22
N ASN A 258 -13.09 11.44 0.65
CA ASN A 258 -13.31 12.84 0.30
C ASN A 258 -12.36 13.78 1.03
N MET A 259 -11.08 13.44 1.02
CA MET A 259 -10.10 14.16 1.82
C MET A 259 -9.26 15.15 1.01
N GLY A 260 -9.10 14.90 -0.27
CA GLY A 260 -8.47 15.88 -1.12
C GLY A 260 -8.97 15.91 -2.55
N ILE A 261 -8.44 16.86 -3.32
CA ILE A 261 -8.65 16.85 -4.75
C ILE A 261 -7.32 16.51 -5.41
N VAL A 262 -7.20 15.28 -5.95
CA VAL A 262 -5.95 14.86 -6.60
C VAL A 262 -5.70 15.57 -7.95
N THR A 263 -4.54 16.22 -8.06
CA THR A 263 -4.17 17.02 -9.24
C THR A 263 -3.15 16.31 -10.12
N LYS A 264 -2.37 15.40 -9.52
CA LYS A 264 -1.38 14.62 -10.27
C LYS A 264 -1.09 13.34 -9.51
N ILE A 265 -0.66 12.31 -10.25
CA ILE A 265 -0.23 11.06 -9.64
C ILE A 265 0.83 10.44 -10.52
N GLY A 266 1.75 9.68 -9.91
CA GLY A 266 2.73 8.91 -10.63
C GLY A 266 2.27 7.46 -10.60
N ILE A 267 2.26 6.78 -11.76
CA ILE A 267 2.01 5.33 -11.81
C ILE A 267 3.21 4.57 -12.43
N TRP A 268 3.63 3.50 -11.76
CA TRP A 268 4.61 2.55 -12.29
C TRP A 268 4.14 1.88 -13.60
N LEU A 269 5.01 1.82 -14.61
CA LEU A 269 4.69 1.18 -15.89
C LEU A 269 5.57 -0.05 -16.10
N MET A 270 5.00 -1.11 -16.70
CA MET A 270 5.76 -2.36 -16.91
C MET A 270 6.67 -2.36 -18.16
N PRO A 271 7.96 -2.70 -18.01
CA PRO A 271 8.82 -2.94 -19.18
C PRO A 271 8.23 -4.01 -20.10
N ASN A 272 8.29 -3.72 -21.41
CA ASN A 272 8.08 -4.75 -22.41
C ASN A 272 8.73 -5.99 -21.80
N PRO A 273 7.94 -7.03 -21.61
CA PRO A 273 8.40 -8.22 -20.86
C PRO A 273 9.24 -9.19 -21.69
N ARG A 274 9.33 -8.96 -23.01
CA ARG A 274 10.14 -9.81 -23.89
C ARG A 274 9.44 -11.04 -24.43
N GLY A 275 8.11 -10.98 -24.51
CA GLY A 275 7.34 -12.10 -24.96
C GLY A 275 6.02 -12.11 -24.22
N TYR A 276 4.97 -12.36 -24.99
CA TYR A 276 3.62 -12.31 -24.50
C TYR A 276 2.74 -13.36 -25.21
N GLN A 277 1.88 -14.04 -24.47
CA GLN A 277 0.92 -14.99 -25.06
C GLN A 277 -0.29 -15.00 -24.15
N SER A 278 -1.47 -14.80 -24.72
CA SER A 278 -2.70 -14.89 -23.93
C SER A 278 -3.38 -16.25 -24.16
N TYR A 279 -4.49 -16.54 -23.47
CA TYR A 279 -5.19 -17.81 -23.61
C TYR A 279 -6.57 -17.81 -23.00
N LEU A 280 -7.40 -18.71 -23.53
CA LEU A 280 -8.77 -18.98 -23.09
C LEU A 280 -8.87 -20.45 -22.83
N ILE A 281 -9.02 -20.80 -21.55
CA ILE A 281 -9.45 -22.13 -21.14
C ILE A 281 -10.95 -21.99 -20.95
N THR A 282 -11.74 -22.84 -21.64
CA THR A 282 -13.20 -22.84 -21.47
C THR A 282 -13.59 -23.93 -20.50
N LEU A 283 -14.60 -23.64 -19.66
CA LEU A 283 -15.12 -24.57 -18.65
C LEU A 283 -16.61 -24.96 -18.87
N PRO A 284 -16.85 -26.24 -19.22
CA PRO A 284 -18.16 -26.70 -19.72
C PRO A 284 -19.38 -26.51 -18.80
N LYS A 285 -19.32 -26.97 -17.53
CA LYS A 285 -20.50 -26.91 -16.65
C LYS A 285 -20.53 -25.68 -15.72
N ASP A 286 -21.74 -25.16 -15.43
CA ASP A 286 -21.97 -24.08 -14.47
C ASP A 286 -21.17 -24.43 -13.22
N GLY A 287 -21.37 -25.67 -12.75
CA GLY A 287 -20.68 -26.23 -11.60
C GLY A 287 -19.16 -26.21 -11.64
N ASP A 288 -18.58 -26.03 -12.82
CA ASP A 288 -17.13 -26.08 -12.94
C ASP A 288 -16.43 -24.90 -12.26
N LEU A 289 -17.20 -23.85 -11.99
CA LEU A 289 -16.68 -22.75 -11.20
C LEU A 289 -15.84 -23.33 -10.02
N LYS A 290 -16.43 -24.25 -9.25
CA LYS A 290 -15.81 -24.74 -8.00
C LYS A 290 -14.39 -25.31 -8.09
N GLN A 291 -14.22 -26.30 -8.95
CA GLN A 291 -12.92 -26.91 -9.14
C GLN A 291 -11.95 -25.93 -9.81
N ALA A 292 -12.44 -25.16 -10.80
CA ALA A 292 -11.63 -24.15 -11.48
C ALA A 292 -10.93 -23.19 -10.51
N VAL A 293 -11.73 -22.51 -9.66
CA VAL A 293 -11.21 -21.64 -8.59
C VAL A 293 -10.26 -22.38 -7.63
N ASP A 294 -10.69 -23.52 -7.12
CA ASP A 294 -9.78 -24.36 -6.35
C ASP A 294 -8.42 -24.51 -7.01
N ILE A 295 -8.40 -24.88 -8.30
CA ILE A 295 -7.15 -25.03 -9.04
C ILE A 295 -6.37 -23.73 -9.10
N ILE A 296 -7.08 -22.63 -9.36
CA ILE A 296 -6.44 -21.32 -9.48
C ILE A 296 -5.51 -21.04 -8.27
N ARG A 297 -6.06 -21.18 -7.06
CA ARG A 297 -5.39 -20.86 -5.79
C ARG A 297 -3.83 -20.98 -5.77
N PRO A 298 -3.26 -22.19 -5.89
CA PRO A 298 -1.79 -22.34 -5.92
C PRO A 298 -1.08 -21.73 -7.15
N LEU A 299 -1.66 -21.84 -8.34
CA LEU A 299 -1.11 -21.19 -9.54
C LEU A 299 -0.92 -19.71 -9.30
N ARG A 300 -1.97 -19.05 -8.78
CA ARG A 300 -1.93 -17.64 -8.40
C ARG A 300 -0.89 -17.41 -7.33
N LEU A 301 -0.99 -18.20 -6.27
CA LEU A 301 -0.21 -18.00 -5.07
C LEU A 301 1.25 -18.39 -5.21
N GLY A 302 1.59 -19.19 -6.22
CA GLY A 302 2.97 -19.50 -6.53
C GLY A 302 3.42 -18.88 -7.86
N MET A 303 2.59 -18.01 -8.43
CA MET A 303 2.89 -17.25 -9.65
C MET A 303 3.08 -18.04 -10.95
N ALA A 304 2.34 -19.12 -11.13
CA ALA A 304 2.15 -19.62 -12.48
C ALA A 304 1.24 -18.62 -13.19
N LEU A 305 0.41 -17.95 -12.39
CA LEU A 305 -0.55 -16.96 -12.90
C LEU A 305 -0.06 -15.51 -12.69
N GLN A 306 0.45 -14.94 -13.77
CA GLN A 306 1.21 -13.71 -13.66
C GLN A 306 0.33 -12.46 -13.49
N ASN A 307 -0.84 -12.44 -14.11
CA ASN A 307 -1.59 -11.18 -14.17
C ASN A 307 -2.79 -11.20 -13.22
N VAL A 308 -3.80 -10.37 -13.51
CA VAL A 308 -5.12 -10.57 -12.96
C VAL A 308 -5.90 -11.30 -14.06
N PRO A 309 -5.96 -12.62 -13.99
CA PRO A 309 -6.81 -13.33 -14.94
C PRO A 309 -8.22 -13.27 -14.42
N THR A 310 -9.19 -13.52 -15.29
CA THR A 310 -10.58 -13.37 -14.97
C THR A 310 -11.30 -14.64 -15.32
N ILE A 311 -12.41 -14.90 -14.62
CA ILE A 311 -13.29 -16.03 -14.83
C ILE A 311 -14.62 -15.44 -15.29
N ARG A 312 -15.01 -15.69 -16.52
CA ARG A 312 -16.22 -15.05 -17.06
C ARG A 312 -17.40 -16.00 -17.23
N HIS A 313 -18.55 -15.52 -16.76
CA HIS A 313 -19.87 -16.13 -16.94
C HIS A 313 -20.25 -16.07 -18.43
N ILE A 314 -20.96 -17.08 -18.91
CA ILE A 314 -21.21 -17.16 -20.34
C ILE A 314 -21.86 -15.88 -20.88
N LEU A 315 -22.85 -15.35 -20.16
CA LEU A 315 -23.60 -14.19 -20.64
C LEU A 315 -22.77 -12.92 -20.93
N LEU A 316 -21.61 -12.78 -20.26
CA LEU A 316 -20.83 -11.56 -20.42
C LEU A 316 -20.26 -11.54 -21.85
N ASP A 317 -19.35 -12.48 -22.14
CA ASP A 317 -18.90 -12.78 -23.52
C ASP A 317 -20.04 -12.72 -24.55
N ALA A 318 -21.15 -13.40 -24.26
CA ALA A 318 -22.24 -13.48 -25.21
C ALA A 318 -22.80 -12.08 -25.52
N ALA A 319 -22.95 -11.29 -24.45
CA ALA A 319 -23.52 -9.94 -24.49
C ALA A 319 -22.61 -8.99 -25.23
N VAL A 320 -21.31 -9.23 -25.15
CA VAL A 320 -20.36 -8.56 -26.05
C VAL A 320 -20.60 -8.89 -27.54
N LEU A 321 -21.17 -10.08 -27.79
CA LEU A 321 -21.38 -10.51 -29.16
C LEU A 321 -22.71 -10.06 -29.85
N GLY A 322 -23.79 -9.99 -29.07
CA GLY A 322 -25.05 -9.46 -29.55
C GLY A 322 -25.98 -9.22 -28.36
N ASP A 323 -26.96 -8.34 -28.51
CA ASP A 323 -27.86 -8.05 -27.39
C ASP A 323 -28.73 -9.24 -27.08
N LYS A 324 -29.68 -9.08 -26.17
CA LYS A 324 -30.46 -10.25 -25.74
C LYS A 324 -31.44 -10.68 -26.83
N ARG A 325 -32.13 -9.70 -27.43
CA ARG A 325 -33.07 -10.02 -28.50
C ARG A 325 -32.37 -10.87 -29.56
N SER A 326 -31.04 -10.83 -29.57
CA SER A 326 -30.29 -11.59 -30.57
C SER A 326 -30.09 -13.10 -30.24
N TYR A 327 -30.44 -13.52 -29.03
CA TYR A 327 -30.40 -14.94 -28.64
C TYR A 327 -31.79 -15.53 -28.32
N SER A 328 -32.74 -14.66 -27.93
CA SER A 328 -34.07 -15.08 -27.52
C SER A 328 -35.00 -13.90 -27.28
N SER A 329 -36.20 -13.94 -27.85
CA SER A 329 -37.12 -12.82 -27.61
C SER A 329 -37.85 -12.91 -26.24
N ARG A 330 -37.34 -13.81 -25.39
CA ARG A 330 -37.70 -13.91 -23.98
C ARG A 330 -37.51 -12.55 -23.30
N THR A 331 -38.46 -12.21 -22.41
CA THR A 331 -38.36 -11.02 -21.53
C THR A 331 -37.84 -11.42 -20.16
N GLU A 332 -37.96 -12.69 -19.85
CA GLU A 332 -37.55 -13.18 -18.56
C GLU A 332 -36.12 -13.68 -18.66
N PRO A 333 -35.46 -13.88 -17.52
CA PRO A 333 -34.11 -14.45 -17.47
C PRO A 333 -33.95 -15.68 -18.34
N LEU A 334 -32.71 -16.01 -18.71
CA LEU A 334 -32.46 -17.16 -19.55
C LEU A 334 -32.29 -18.37 -18.66
N SER A 335 -32.96 -19.45 -19.05
CA SER A 335 -32.99 -20.65 -18.24
C SER A 335 -31.61 -21.25 -18.29
N ASP A 336 -31.35 -22.08 -17.30
CA ASP A 336 -30.15 -22.87 -17.21
C ASP A 336 -29.85 -23.75 -18.42
N GLU A 337 -30.88 -24.07 -19.21
CA GLU A 337 -30.71 -24.86 -20.43
C GLU A 337 -30.31 -24.01 -21.65
N GLU A 338 -30.86 -22.79 -21.75
CA GLU A 338 -30.58 -21.95 -22.92
C GLU A 338 -29.13 -21.51 -22.85
N LEU A 339 -28.66 -21.29 -21.62
CA LEU A 339 -27.26 -21.01 -21.36
C LEU A 339 -26.31 -22.11 -21.85
N ASP A 340 -26.75 -23.36 -21.84
CA ASP A 340 -25.94 -24.42 -22.40
C ASP A 340 -25.93 -24.28 -23.92
N LYS A 341 -27.10 -24.12 -24.54
CA LYS A 341 -27.25 -23.80 -25.98
C LYS A 341 -26.32 -22.68 -26.45
N ILE A 342 -26.23 -21.59 -25.67
CA ILE A 342 -25.49 -20.42 -26.13
C ILE A 342 -24.00 -20.69 -25.99
N ALA A 343 -23.63 -21.38 -24.92
CA ALA A 343 -22.27 -21.83 -24.74
C ALA A 343 -21.84 -22.54 -26.03
N LYS A 344 -22.40 -23.73 -26.25
CA LYS A 344 -22.18 -24.52 -27.43
C LYS A 344 -22.31 -23.72 -28.76
N GLN A 345 -23.25 -22.77 -28.84
CA GLN A 345 -23.41 -21.91 -30.02
C GLN A 345 -22.14 -21.17 -30.37
N LEU A 346 -21.43 -20.70 -29.34
CA LEU A 346 -20.28 -19.80 -29.53
C LEU A 346 -18.93 -20.46 -29.25
N ASN A 347 -18.93 -21.79 -29.18
CA ASN A 347 -17.77 -22.61 -28.82
C ASN A 347 -17.15 -22.15 -27.50
N LEU A 348 -18.02 -21.78 -26.56
CA LEU A 348 -17.58 -21.32 -25.25
C LEU A 348 -18.06 -22.28 -24.19
N GLY A 349 -17.46 -22.19 -23.00
CA GLY A 349 -17.95 -22.88 -21.80
C GLY A 349 -18.99 -22.09 -20.99
N ARG A 350 -19.54 -22.75 -19.95
CA ARG A 350 -20.45 -22.09 -18.96
C ARG A 350 -19.71 -21.09 -18.02
N TRP A 351 -18.41 -21.32 -17.84
CA TRP A 351 -17.48 -20.30 -17.40
C TRP A 351 -16.33 -20.26 -18.40
N ASN A 352 -15.61 -19.14 -18.45
CA ASN A 352 -14.44 -19.02 -19.34
C ASN A 352 -13.24 -18.32 -18.69
N PHE A 353 -12.07 -18.95 -18.78
CA PHE A 353 -10.92 -18.40 -18.10
C PHE A 353 -9.92 -17.82 -19.10
N TYR A 354 -9.59 -16.53 -18.87
CA TYR A 354 -8.75 -15.69 -19.72
C TYR A 354 -7.58 -15.26 -18.91
N GLY A 355 -6.39 -15.29 -19.50
CA GLY A 355 -5.18 -14.83 -18.83
C GLY A 355 -4.08 -14.67 -19.84
N ALA A 356 -2.85 -14.47 -19.36
CA ALA A 356 -1.69 -14.31 -20.24
C ALA A 356 -0.39 -14.74 -19.59
N LEU A 357 0.64 -14.75 -20.44
CA LEU A 357 1.96 -15.28 -20.15
C LEU A 357 2.95 -14.22 -20.53
N TYR A 358 3.83 -13.88 -19.60
CA TYR A 358 4.80 -12.80 -19.86
C TYR A 358 6.24 -13.29 -19.86
N GLY A 359 7.05 -12.80 -20.79
CA GLY A 359 8.48 -13.07 -20.76
C GLY A 359 8.96 -14.00 -21.86
N PRO A 360 10.19 -14.48 -21.74
CA PRO A 360 10.80 -15.24 -22.82
C PRO A 360 10.11 -16.60 -23.08
N GLU A 361 9.95 -16.90 -24.36
CA GLU A 361 9.63 -18.25 -24.80
C GLU A 361 9.96 -19.40 -23.79
N PRO A 362 11.22 -19.68 -23.42
CA PRO A 362 11.49 -20.82 -22.50
C PRO A 362 10.59 -20.85 -21.24
N ILE A 363 10.45 -19.71 -20.56
CA ILE A 363 9.70 -19.63 -19.31
C ILE A 363 8.17 -19.72 -19.50
N ARG A 364 7.63 -19.01 -20.49
CA ARG A 364 6.23 -19.08 -20.84
C ARG A 364 5.81 -20.54 -20.94
N ARG A 365 6.51 -21.29 -21.81
CA ARG A 365 6.28 -22.72 -22.00
C ARG A 365 6.11 -23.49 -20.67
N VAL A 366 7.12 -23.47 -19.80
CA VAL A 366 7.00 -24.18 -18.52
C VAL A 366 5.73 -23.76 -17.76
N LEU A 367 5.54 -22.46 -17.53
CA LEU A 367 4.33 -22.00 -16.84
C LEU A 367 3.06 -22.47 -17.56
N TRP A 368 2.95 -22.21 -18.87
CA TRP A 368 1.76 -22.61 -19.64
C TRP A 368 1.52 -24.13 -19.53
N GLU A 369 2.56 -24.94 -19.63
CA GLU A 369 2.38 -26.38 -19.37
C GLU A 369 1.83 -26.64 -17.98
N THR A 370 2.37 -25.99 -16.95
CA THR A 370 1.83 -26.15 -15.60
C THR A 370 0.33 -25.82 -15.57
N ILE A 371 0.01 -24.64 -16.09
CA ILE A 371 -1.37 -24.17 -16.15
C ILE A 371 -2.29 -25.03 -17.04
N LYS A 372 -1.74 -25.59 -18.14
CA LYS A 372 -2.46 -26.56 -19.00
C LYS A 372 -2.76 -27.83 -18.21
N ASP A 373 -1.73 -28.35 -17.57
CA ASP A 373 -1.80 -29.55 -16.73
C ASP A 373 -2.86 -29.45 -15.64
N ALA A 374 -2.80 -28.37 -14.87
CA ALA A 374 -3.62 -28.20 -13.69
C ALA A 374 -5.07 -28.18 -14.09
N PHE A 375 -5.38 -27.49 -15.19
CA PHE A 375 -6.77 -27.29 -15.62
C PHE A 375 -7.36 -28.55 -16.26
N SER A 376 -6.49 -29.43 -16.75
CA SER A 376 -6.92 -30.66 -17.43
C SER A 376 -7.72 -31.62 -16.54
N ALA A 377 -7.73 -31.34 -15.22
CA ALA A 377 -8.49 -32.14 -14.28
C ALA A 377 -9.98 -31.90 -14.43
N ILE A 378 -10.36 -30.71 -14.90
CA ILE A 378 -11.76 -30.37 -15.14
C ILE A 378 -12.27 -31.07 -16.41
N PRO A 379 -13.34 -31.87 -16.31
CA PRO A 379 -13.85 -32.61 -17.47
C PRO A 379 -14.22 -31.67 -18.63
N GLY A 380 -13.86 -32.02 -19.86
CA GLY A 380 -14.30 -31.25 -21.04
C GLY A 380 -13.62 -29.93 -21.32
N VAL A 381 -12.55 -29.63 -20.58
CA VAL A 381 -11.76 -28.42 -20.79
C VAL A 381 -11.18 -28.30 -22.23
N LYS A 382 -11.20 -27.09 -22.79
CA LYS A 382 -10.59 -26.81 -24.11
C LYS A 382 -9.75 -25.50 -24.14
N PHE A 383 -8.57 -25.59 -24.74
CA PHE A 383 -7.60 -24.51 -24.71
C PHE A 383 -7.46 -23.82 -26.06
N TYR A 384 -7.47 -22.49 -26.04
CA TYR A 384 -7.46 -21.68 -27.27
C TYR A 384 -6.50 -20.53 -27.17
N PHE A 385 -5.61 -20.38 -28.15
CA PHE A 385 -4.82 -19.14 -28.29
C PHE A 385 -5.70 -18.22 -29.10
N PRO A 386 -5.39 -16.92 -29.13
CA PRO A 386 -6.10 -15.94 -29.99
C PRO A 386 -6.33 -16.34 -31.48
N GLU A 387 -5.32 -16.89 -32.15
CA GLU A 387 -5.44 -17.28 -33.55
C GLU A 387 -6.52 -18.37 -33.79
N ASP A 388 -6.70 -19.26 -32.80
CA ASP A 388 -7.74 -20.31 -32.85
C ASP A 388 -9.23 -19.85 -32.72
N THR A 389 -9.52 -18.56 -32.74
CA THR A 389 -10.92 -18.13 -32.56
C THR A 389 -11.50 -17.22 -33.70
N PRO A 390 -12.84 -17.15 -33.85
CA PRO A 390 -13.47 -16.27 -34.84
C PRO A 390 -13.04 -14.79 -34.75
N GLU A 391 -13.14 -14.07 -35.86
CA GLU A 391 -12.73 -12.66 -35.96
C GLU A 391 -13.14 -11.80 -34.74
N ASN A 392 -14.34 -12.09 -34.23
CA ASN A 392 -15.05 -11.18 -33.33
C ASN A 392 -14.83 -11.56 -31.86
N SER A 393 -14.01 -12.60 -31.64
CA SER A 393 -13.91 -13.23 -30.33
C SER A 393 -13.57 -12.28 -29.15
N VAL A 394 -14.06 -12.62 -27.98
CA VAL A 394 -13.56 -11.96 -26.76
C VAL A 394 -12.04 -12.22 -26.49
N LEU A 395 -11.53 -13.44 -26.73
CA LEU A 395 -10.08 -13.70 -26.59
C LEU A 395 -9.24 -12.70 -27.37
N ARG A 396 -9.78 -12.17 -28.47
CA ARG A 396 -9.00 -11.31 -29.35
C ARG A 396 -8.96 -9.94 -28.74
N VAL A 397 -10.12 -9.49 -28.29
CA VAL A 397 -10.29 -8.23 -27.57
C VAL A 397 -9.37 -8.26 -26.34
N ARG A 398 -9.65 -9.15 -25.37
CA ARG A 398 -8.73 -9.39 -24.24
C ARG A 398 -7.23 -9.66 -24.58
N ASP A 399 -6.94 -10.24 -25.74
CA ASP A 399 -5.52 -10.44 -26.08
C ASP A 399 -4.83 -9.09 -26.17
N LYS A 400 -5.61 -8.03 -26.36
CA LYS A 400 -5.05 -6.69 -26.37
C LYS A 400 -5.05 -6.05 -24.98
N THR A 401 -5.92 -6.54 -24.11
CA THR A 401 -6.16 -5.86 -22.85
C THR A 401 -5.05 -6.28 -21.92
N MET A 402 -4.65 -7.53 -22.04
CA MET A 402 -3.67 -8.09 -21.13
C MET A 402 -2.25 -7.68 -21.55
N GLN A 403 -2.20 -6.71 -22.45
CA GLN A 403 -0.93 -6.16 -22.90
C GLN A 403 -1.03 -4.62 -22.95
N GLY A 404 -2.07 -4.07 -22.29
CA GLY A 404 -2.19 -2.64 -22.11
C GLY A 404 -2.62 -1.86 -23.33
N ILE A 405 -3.24 -2.54 -24.29
CA ILE A 405 -3.86 -1.79 -25.38
C ILE A 405 -5.30 -1.39 -25.06
N PRO A 406 -5.60 -0.09 -25.15
CA PRO A 406 -6.97 0.40 -24.87
C PRO A 406 -7.92 -0.08 -25.94
N THR A 407 -9.13 -0.45 -25.53
CA THR A 407 -10.18 -0.92 -26.44
C THR A 407 -11.55 -0.56 -25.89
N TYR A 408 -12.57 -0.82 -26.71
CA TYR A 408 -13.93 -0.39 -26.45
C TYR A 408 -14.96 -1.44 -26.85
N ASP A 409 -14.51 -2.58 -27.38
CA ASP A 409 -15.43 -3.69 -27.70
C ASP A 409 -16.33 -4.13 -26.52
N GLU A 410 -15.76 -4.18 -25.31
CA GLU A 410 -16.54 -4.63 -24.13
C GLU A 410 -17.72 -3.71 -23.71
N LEU A 411 -17.96 -2.64 -24.46
CA LEU A 411 -19.01 -1.68 -24.13
C LEU A 411 -20.39 -2.23 -24.42
N LYS A 412 -20.43 -3.06 -25.46
CA LYS A 412 -21.67 -3.56 -25.98
C LYS A 412 -22.47 -4.38 -24.97
N TRP A 413 -21.81 -5.09 -24.06
CA TRP A 413 -22.57 -5.91 -23.11
C TRP A 413 -23.51 -5.06 -22.27
N ILE A 414 -23.34 -3.75 -22.34
CA ILE A 414 -24.23 -2.79 -21.69
C ILE A 414 -25.56 -2.81 -22.40
N ASP A 415 -25.54 -3.10 -23.71
CA ASP A 415 -26.75 -3.01 -24.48
C ASP A 415 -27.48 -4.31 -24.51
N TRP A 416 -27.20 -5.16 -23.53
CA TRP A 416 -27.95 -6.40 -23.36
C TRP A 416 -29.48 -6.21 -23.41
N LEU A 417 -29.95 -5.04 -22.93
CA LEU A 417 -31.39 -4.69 -22.86
C LEU A 417 -31.70 -3.27 -23.41
N PRO A 418 -32.82 -3.15 -24.15
CA PRO A 418 -33.20 -1.94 -24.89
C PRO A 418 -32.69 -0.54 -24.44
N ASN A 419 -32.69 -0.23 -23.16
CA ASN A 419 -31.90 0.93 -22.74
C ASN A 419 -30.99 0.45 -21.65
N GLY A 420 -29.91 -0.19 -22.08
CA GLY A 420 -28.97 -0.82 -21.17
C GLY A 420 -28.20 0.18 -20.37
N ALA A 421 -28.15 -0.07 -19.08
CA ALA A 421 -27.35 0.68 -18.15
C ALA A 421 -26.76 -0.40 -17.27
N HIS A 422 -25.50 -0.26 -16.86
CA HIS A 422 -24.94 -1.20 -15.89
C HIS A 422 -24.81 -0.61 -14.47
N LEU A 423 -24.93 -1.49 -13.48
CA LEU A 423 -24.71 -1.12 -12.07
C LEU A 423 -23.94 -2.26 -11.45
N PHE A 424 -22.77 -1.98 -10.87
CA PHE A 424 -21.94 -3.07 -10.38
C PHE A 424 -22.16 -3.40 -8.91
N PHE A 425 -22.53 -4.63 -8.63
CA PHE A 425 -22.48 -5.10 -7.24
C PHE A 425 -21.20 -5.94 -7.12
N SER A 426 -20.31 -5.51 -6.23
CA SER A 426 -18.92 -5.92 -6.26
C SER A 426 -18.41 -6.47 -4.90
N PRO A 427 -18.89 -7.63 -4.50
CA PRO A 427 -18.37 -8.28 -3.30
C PRO A 427 -17.02 -8.93 -3.57
N ILE A 428 -16.29 -9.25 -2.50
CA ILE A 428 -15.02 -9.97 -2.60
C ILE A 428 -15.25 -11.40 -2.15
N ALA A 429 -14.37 -12.30 -2.58
CA ALA A 429 -14.55 -13.73 -2.38
C ALA A 429 -13.21 -14.39 -2.14
N LYS A 430 -13.17 -15.40 -1.27
CA LYS A 430 -11.93 -16.13 -1.02
C LYS A 430 -11.52 -16.79 -2.32
N VAL A 431 -10.23 -17.11 -2.47
CA VAL A 431 -9.90 -17.85 -3.67
C VAL A 431 -10.08 -19.30 -3.34
N SER A 432 -11.33 -19.67 -3.04
CA SER A 432 -11.70 -21.08 -2.87
C SER A 432 -13.06 -21.35 -3.48
N GLY A 433 -13.14 -22.42 -4.26
CA GLY A 433 -14.36 -22.88 -4.91
C GLY A 433 -15.60 -22.92 -4.04
N GLU A 434 -15.50 -23.51 -2.86
CA GLU A 434 -16.63 -23.62 -1.94
C GLU A 434 -17.27 -22.24 -1.68
N ASP A 435 -16.41 -21.25 -1.41
CA ASP A 435 -16.84 -19.92 -1.02
C ASP A 435 -17.41 -19.16 -2.20
N ALA A 436 -16.77 -19.34 -3.34
CA ALA A 436 -17.18 -18.80 -4.61
C ALA A 436 -18.57 -19.33 -5.02
N MET A 437 -18.83 -20.61 -4.74
CA MET A 437 -20.07 -21.21 -5.20
C MET A 437 -21.17 -20.63 -4.35
N MET A 438 -20.93 -20.63 -3.05
CA MET A 438 -21.88 -20.15 -2.05
C MET A 438 -22.29 -18.73 -2.44
N GLN A 439 -21.29 -17.88 -2.74
CA GLN A 439 -21.53 -16.47 -3.05
C GLN A 439 -22.31 -16.28 -4.33
N TYR A 440 -21.92 -17.01 -5.37
CA TYR A 440 -22.57 -16.97 -6.69
C TYR A 440 -24.06 -17.36 -6.56
N ALA A 441 -24.28 -18.45 -5.83
CA ALA A 441 -25.59 -19.01 -5.51
C ALA A 441 -26.48 -17.97 -4.88
N VAL A 442 -25.94 -17.26 -3.91
CA VAL A 442 -26.66 -16.20 -3.25
C VAL A 442 -27.07 -15.15 -4.29
N THR A 443 -26.12 -14.76 -5.14
CA THR A 443 -26.36 -13.72 -6.12
C THR A 443 -27.37 -14.19 -7.14
N LYS A 444 -27.16 -15.39 -7.67
CA LYS A 444 -27.99 -15.94 -8.72
C LYS A 444 -29.45 -16.08 -8.22
N LYS A 445 -29.67 -16.74 -7.09
CA LYS A 445 -31.01 -16.78 -6.52
C LYS A 445 -31.68 -15.40 -6.59
N ARG A 446 -31.00 -14.38 -6.05
CA ARG A 446 -31.55 -13.03 -5.97
C ARG A 446 -31.86 -12.31 -7.33
N CYS A 447 -30.94 -12.36 -8.29
CA CYS A 447 -31.19 -11.82 -9.64
C CYS A 447 -32.46 -12.44 -10.19
N GLN A 448 -32.64 -13.71 -9.84
CA GLN A 448 -33.70 -14.49 -10.39
C GLN A 448 -34.99 -13.88 -9.82
N GLU A 449 -35.04 -13.75 -8.50
CA GLU A 449 -36.25 -13.25 -7.89
C GLU A 449 -36.63 -11.90 -8.48
N ALA A 450 -35.63 -11.18 -9.03
CA ALA A 450 -35.78 -9.83 -9.55
C ALA A 450 -36.04 -9.74 -11.07
N GLY A 451 -36.09 -10.89 -11.74
CA GLY A 451 -36.31 -10.93 -13.17
C GLY A 451 -35.08 -10.66 -14.05
N LEU A 452 -33.89 -10.85 -13.48
CA LEU A 452 -32.67 -10.46 -14.16
C LEU A 452 -31.78 -11.62 -14.49
N ASP A 453 -31.20 -11.56 -15.67
CA ASP A 453 -30.10 -12.43 -16.05
C ASP A 453 -28.93 -12.15 -15.11
N TYR A 454 -28.33 -13.20 -14.55
CA TYR A 454 -27.08 -13.05 -13.78
C TYR A 454 -25.91 -12.96 -14.75
N ILE A 455 -25.11 -11.90 -14.59
CA ILE A 455 -23.90 -11.66 -15.38
C ILE A 455 -22.79 -11.22 -14.42
N GLY A 456 -21.57 -11.69 -14.64
CA GLY A 456 -20.47 -11.35 -13.74
C GLY A 456 -19.14 -11.94 -14.16
N THR A 457 -18.03 -11.31 -13.72
CA THR A 457 -16.69 -11.92 -13.78
C THR A 457 -16.31 -12.18 -12.36
N PHE A 458 -15.40 -13.12 -12.13
CA PHE A 458 -14.55 -13.05 -10.96
C PHE A 458 -13.19 -12.60 -11.49
N THR A 459 -12.58 -11.60 -10.87
CA THR A 459 -11.22 -11.26 -11.26
C THR A 459 -10.30 -11.73 -10.13
N VAL A 460 -9.12 -12.24 -10.50
CA VAL A 460 -8.29 -12.99 -9.56
C VAL A 460 -7.17 -12.18 -8.84
N GLY A 461 -7.42 -11.85 -7.57
CA GLY A 461 -6.43 -11.28 -6.69
C GLY A 461 -5.44 -12.36 -6.30
N MET A 462 -4.37 -12.01 -5.57
CA MET A 462 -3.37 -12.99 -5.14
C MET A 462 -4.09 -13.97 -4.24
N ARG A 463 -4.87 -13.43 -3.28
CA ARG A 463 -5.57 -14.18 -2.22
C ARG A 463 -7.06 -13.90 -2.18
N GLU A 464 -7.55 -13.01 -3.02
CA GLU A 464 -8.97 -12.76 -3.08
C GLU A 464 -9.43 -12.73 -4.52
N MET A 465 -10.73 -12.43 -4.71
CA MET A 465 -11.33 -12.42 -5.99
C MET A 465 -12.38 -11.34 -5.95
N HIS A 466 -12.28 -10.39 -6.89
CA HIS A 466 -13.31 -9.34 -7.03
C HIS A 466 -14.38 -10.01 -7.85
N HIS A 467 -15.62 -10.01 -7.35
CA HIS A 467 -16.71 -10.70 -8.03
C HIS A 467 -17.69 -9.67 -8.52
N ILE A 468 -17.63 -9.33 -9.79
CA ILE A 468 -18.39 -8.19 -10.31
C ILE A 468 -19.70 -8.63 -10.92
N VAL A 469 -20.76 -8.59 -10.11
CA VAL A 469 -22.07 -8.91 -10.62
C VAL A 469 -22.46 -7.70 -11.45
N CYS A 470 -22.49 -7.89 -12.77
CA CYS A 470 -22.82 -6.85 -13.75
C CYS A 470 -24.37 -6.70 -13.99
N ILE A 471 -25.04 -5.93 -13.13
CA ILE A 471 -26.49 -5.73 -13.24
C ILE A 471 -26.82 -4.89 -14.47
N VAL A 472 -27.48 -5.46 -15.48
CA VAL A 472 -27.91 -4.56 -16.55
C VAL A 472 -29.38 -4.43 -16.54
N PHE A 473 -29.86 -3.20 -16.69
CA PHE A 473 -31.27 -2.93 -16.59
C PHE A 473 -31.64 -1.87 -17.59
N ASN A 474 -32.94 -1.68 -17.80
CA ASN A 474 -33.42 -0.74 -18.80
C ASN A 474 -33.83 0.58 -18.13
N LYS A 475 -33.03 1.63 -18.30
CA LYS A 475 -33.19 2.85 -17.51
C LYS A 475 -34.50 3.59 -17.70
N LYS A 476 -35.28 3.20 -18.71
CA LYS A 476 -36.61 3.82 -18.90
C LYS A 476 -37.73 2.97 -18.27
N ASP A 477 -37.37 1.86 -17.65
CA ASP A 477 -38.33 0.97 -16.98
C ASP A 477 -38.36 1.21 -15.50
N LEU A 478 -39.44 1.84 -15.01
CA LEU A 478 -39.61 2.13 -13.59
C LEU A 478 -39.72 0.89 -12.69
N ILE A 479 -40.51 -0.08 -13.16
CA ILE A 479 -40.74 -1.32 -12.42
C ILE A 479 -39.42 -2.09 -12.28
N GLN A 480 -38.57 -2.00 -13.30
CA GLN A 480 -37.30 -2.70 -13.27
C GLN A 480 -36.33 -1.98 -12.34
N LYS A 481 -36.18 -0.65 -12.53
CA LYS A 481 -35.28 0.17 -11.70
C LYS A 481 -35.46 -0.20 -10.21
N ARG A 482 -36.68 0.04 -9.72
CA ARG A 482 -37.14 -0.40 -8.43
C ARG A 482 -36.70 -1.84 -8.10
N LYS A 483 -36.86 -2.77 -9.04
CA LYS A 483 -36.42 -4.17 -8.76
C LYS A 483 -34.89 -4.26 -8.63
N VAL A 484 -34.18 -3.46 -9.41
CA VAL A 484 -32.73 -3.31 -9.27
C VAL A 484 -32.35 -2.73 -7.88
N GLN A 485 -33.13 -1.76 -7.41
CA GLN A 485 -32.86 -1.14 -6.13
C GLN A 485 -33.17 -2.16 -5.03
N TRP A 486 -34.14 -3.03 -5.28
CA TRP A 486 -34.42 -4.05 -4.28
C TRP A 486 -33.37 -5.14 -4.34
N LEU A 487 -32.90 -5.45 -5.56
CA LEU A 487 -31.82 -6.42 -5.78
C LEU A 487 -30.53 -6.07 -4.99
N MET A 488 -29.97 -4.89 -5.29
CA MET A 488 -28.71 -4.42 -4.72
C MET A 488 -28.76 -4.45 -3.18
N ARG A 489 -29.72 -3.70 -2.61
CA ARG A 489 -29.86 -3.60 -1.16
C ARG A 489 -29.93 -4.98 -0.51
N THR A 490 -30.75 -5.87 -1.09
CA THR A 490 -30.88 -7.25 -0.64
C THR A 490 -29.53 -7.97 -0.69
N LEU A 491 -28.94 -8.06 -1.89
CA LEU A 491 -27.62 -8.66 -2.04
C LEU A 491 -26.55 -8.12 -1.06
N ILE A 492 -26.54 -6.82 -0.76
CA ILE A 492 -25.60 -6.33 0.26
C ILE A 492 -25.78 -7.08 1.58
N ASP A 493 -27.00 -7.08 2.11
CA ASP A 493 -27.29 -7.67 3.44
C ASP A 493 -26.97 -9.17 3.50
N ASP A 494 -27.48 -9.90 2.50
CA ASP A 494 -27.16 -11.32 2.27
C ASP A 494 -25.66 -11.56 2.34
N CYS A 495 -24.89 -10.78 1.58
CA CYS A 495 -23.45 -11.03 1.53
C CYS A 495 -22.80 -10.72 2.88
N ALA A 496 -23.36 -9.73 3.58
CA ALA A 496 -22.84 -9.40 4.90
C ALA A 496 -23.22 -10.49 5.92
N ALA A 497 -24.39 -11.08 5.77
CA ALA A 497 -24.84 -12.16 6.67
C ALA A 497 -24.01 -13.44 6.49
N ASN A 498 -23.12 -13.42 5.48
CA ASN A 498 -22.28 -14.54 5.09
C ASN A 498 -20.81 -14.18 5.02
N GLY A 499 -20.46 -13.02 5.56
CA GLY A 499 -19.08 -12.58 5.70
C GLY A 499 -18.44 -11.97 4.46
N TRP A 500 -19.16 -11.07 3.78
CA TRP A 500 -18.70 -10.50 2.52
C TRP A 500 -19.14 -9.07 2.36
N GLY A 501 -18.14 -8.19 2.32
CA GLY A 501 -18.35 -6.79 2.05
C GLY A 501 -18.06 -6.55 0.58
N GLU A 502 -18.46 -5.38 0.09
CA GLU A 502 -18.16 -4.95 -1.25
C GLU A 502 -16.99 -3.98 -1.28
N TYR A 503 -16.28 -3.95 -2.41
CA TYR A 503 -15.03 -3.21 -2.54
C TYR A 503 -15.23 -1.78 -3.04
N ARG A 504 -16.35 -1.52 -3.71
CA ARG A 504 -16.56 -0.25 -4.38
C ARG A 504 -18.05 -0.15 -4.77
N THR A 505 -18.72 1.00 -4.59
CA THR A 505 -20.12 1.05 -5.05
C THR A 505 -20.56 2.33 -5.63
N HIS A 506 -21.88 2.38 -5.77
CA HIS A 506 -22.60 3.43 -6.46
C HIS A 506 -23.02 4.51 -5.46
N LEU A 507 -23.31 5.72 -5.96
CA LEU A 507 -23.79 6.81 -5.07
C LEU A 507 -24.93 6.36 -4.14
N ALA A 508 -25.88 5.59 -4.66
CA ALA A 508 -27.09 5.21 -3.91
C ALA A 508 -26.88 4.12 -2.85
N PHE A 509 -25.63 3.65 -2.67
CA PHE A 509 -25.41 2.42 -1.91
C PHE A 509 -24.26 2.55 -0.93
N MET A 510 -23.62 3.71 -1.02
CA MET A 510 -22.46 4.08 -0.23
C MET A 510 -22.74 3.99 1.29
N ASP A 511 -23.88 4.54 1.72
CA ASP A 511 -24.23 4.55 3.13
C ASP A 511 -24.47 3.14 3.67
N GLN A 512 -25.24 2.34 2.94
CA GLN A 512 -25.59 1.02 3.40
C GLN A 512 -24.31 0.24 3.44
N ILE A 513 -23.60 0.26 2.33
CA ILE A 513 -22.35 -0.46 2.30
C ILE A 513 -21.46 -0.11 3.48
N MET A 514 -21.26 1.17 3.77
CA MET A 514 -20.38 1.48 4.89
C MET A 514 -20.95 0.83 6.15
N GLU A 515 -22.28 0.78 6.27
CA GLU A 515 -22.94 0.37 7.51
C GLU A 515 -22.76 -1.14 7.72
N THR A 516 -22.26 -1.76 6.66
CA THR A 516 -21.90 -3.15 6.62
C THR A 516 -20.56 -3.35 7.35
N TYR A 517 -19.68 -2.35 7.25
CA TYR A 517 -18.38 -2.36 7.89
C TYR A 517 -18.50 -1.76 9.30
N ASN A 518 -19.34 -2.35 10.13
CA ASN A 518 -19.67 -1.76 11.42
C ASN A 518 -19.17 -2.57 12.60
N TRP A 519 -18.07 -3.30 12.43
CA TRP A 519 -17.42 -3.90 13.59
C TRP A 519 -17.28 -2.92 14.78
N ASN A 520 -17.40 -3.47 15.98
CA ASN A 520 -17.28 -2.73 17.23
C ASN A 520 -18.09 -1.46 17.22
N ASN A 521 -19.40 -1.59 16.98
CA ASN A 521 -20.29 -0.44 16.98
C ASN A 521 -19.81 0.71 16.04
N SER A 522 -19.57 0.35 14.77
CA SER A 522 -19.11 1.30 13.73
C SER A 522 -17.83 2.08 14.04
N SER A 523 -16.87 1.41 14.64
CA SER A 523 -15.63 2.10 15.00
C SER A 523 -14.90 2.67 13.77
N PHE A 524 -14.76 1.90 12.70
CA PHE A 524 -14.18 2.42 11.44
C PHE A 524 -14.77 3.77 10.90
N LEU A 525 -16.09 3.83 10.68
CA LEU A 525 -16.71 5.10 10.26
C LEU A 525 -16.44 6.23 11.23
N ARG A 526 -16.68 6.06 12.53
CA ARG A 526 -16.45 7.13 13.51
C ARG A 526 -15.07 7.74 13.35
N PHE A 527 -14.07 6.85 13.31
CA PHE A 527 -12.68 7.27 13.21
C PHE A 527 -12.54 8.10 11.96
N ASN A 528 -13.17 7.62 10.90
CA ASN A 528 -13.13 8.32 9.62
C ASN A 528 -13.74 9.73 9.66
N GLU A 529 -14.89 9.88 10.31
CA GLU A 529 -15.53 11.18 10.57
C GLU A 529 -14.63 12.23 11.30
N VAL A 530 -13.96 11.78 12.35
CA VAL A 530 -13.01 12.59 13.10
C VAL A 530 -12.01 13.22 12.11
N LEU A 531 -11.32 12.39 11.32
CA LEU A 531 -10.27 12.89 10.41
C LEU A 531 -10.91 13.84 9.42
N LYS A 532 -12.10 13.48 8.96
CA LYS A 532 -12.78 14.23 7.93
C LYS A 532 -13.15 15.62 8.42
N ASN A 533 -13.62 15.75 9.66
CA ASN A 533 -14.00 17.09 10.10
C ASN A 533 -12.79 17.99 10.39
N ALA A 534 -11.69 17.31 10.73
CA ALA A 534 -10.46 17.96 11.16
C ALA A 534 -9.87 18.72 10.01
N VAL A 535 -9.71 18.03 8.89
CA VAL A 535 -9.14 18.61 7.70
C VAL A 535 -10.16 19.44 6.93
N ASP A 536 -11.45 19.09 6.97
CA ASP A 536 -12.46 19.80 6.19
C ASP A 536 -13.40 20.48 7.18
N PRO A 537 -12.97 21.59 7.77
CA PRO A 537 -13.77 22.25 8.81
C PRO A 537 -15.21 22.60 8.40
N ASN A 538 -15.42 22.98 7.13
CA ASN A 538 -16.69 23.43 6.59
C ASN A 538 -17.28 22.42 5.63
N GLY A 539 -16.85 21.16 5.74
CA GLY A 539 -17.26 20.09 4.82
C GLY A 539 -17.59 20.42 3.36
N ILE A 540 -16.66 21.00 2.61
CA ILE A 540 -16.98 21.44 1.24
C ILE A 540 -16.50 20.42 0.18
N ILE A 541 -15.70 19.46 0.61
CA ILE A 541 -15.17 18.50 -0.33
C ILE A 541 -16.02 17.26 -0.28
N ALA A 542 -16.76 17.01 -1.38
CA ALA A 542 -17.39 15.72 -1.64
C ALA A 542 -18.07 15.14 -0.42
N PRO A 543 -18.92 15.92 0.22
CA PRO A 543 -19.54 15.42 1.45
C PRO A 543 -20.30 14.14 1.06
N GLY A 544 -20.06 13.02 1.72
CA GLY A 544 -20.94 11.88 1.54
C GLY A 544 -20.37 10.71 0.78
N LYS A 545 -19.25 10.95 0.09
CA LYS A 545 -18.51 9.88 -0.58
C LYS A 545 -18.18 8.82 0.44
N SER A 546 -18.42 7.58 0.04
CA SER A 546 -18.14 6.37 0.83
C SER A 546 -18.92 6.38 2.09
N GLY A 547 -20.02 7.12 2.06
CA GLY A 547 -20.80 7.41 3.26
C GLY A 547 -20.04 8.08 4.41
N VAL A 548 -19.06 8.93 4.11
CA VAL A 548 -18.41 9.75 5.16
C VAL A 548 -18.91 11.18 5.14
N TRP A 549 -19.58 11.56 6.22
CA TRP A 549 -20.32 12.82 6.28
C TRP A 549 -19.69 13.84 7.24
N PRO A 550 -19.32 15.04 6.76
CA PRO A 550 -18.90 16.13 7.65
C PRO A 550 -20.06 16.52 8.58
N SER A 551 -19.71 17.06 9.76
CA SER A 551 -20.64 17.16 10.88
C SER A 551 -21.83 18.07 10.63
N GLN A 552 -21.70 19.00 9.69
CA GLN A 552 -22.83 19.86 9.32
C GLN A 552 -23.86 19.18 8.44
N TYR A 553 -23.54 17.98 7.95
CA TYR A 553 -24.49 17.14 7.18
C TYR A 553 -25.16 16.12 8.12
N SER A 554 -26.30 16.54 8.68
CA SER A 554 -27.14 15.65 9.44
C SER A 554 -27.27 14.26 8.75
N HIS A 555 -26.94 13.19 9.48
CA HIS A 555 -27.13 11.85 8.95
C HIS A 555 -28.61 11.62 8.59
N VAL A 556 -29.53 11.88 9.51
CA VAL A 556 -30.96 11.64 9.25
C VAL A 556 -31.39 12.24 7.88
N THR A 557 -30.85 13.41 7.56
CA THR A 557 -31.36 14.15 6.41
C THR A 557 -30.72 13.60 5.14
N TRP A 558 -29.46 13.19 5.26
CA TRP A 558 -28.60 12.92 4.09
C TRP A 558 -28.33 11.44 3.71
N LYS A 559 -28.73 10.49 4.54
CA LYS A 559 -28.36 9.08 4.32
C LYS A 559 -29.31 8.32 3.39
N LEU A 560 -28.87 7.19 2.84
CA LEU A 560 -29.79 6.24 2.22
C LEU A 560 -29.44 4.80 2.61
N GLU B 6 6.24 1.85 42.79
CA GLU B 6 7.44 2.51 43.38
C GLU B 6 7.36 4.04 43.34
N PHE B 7 8.06 4.67 44.30
CA PHE B 7 7.73 6.05 44.72
C PHE B 7 8.33 7.25 43.95
N ARG B 8 9.64 7.24 43.67
CA ARG B 8 10.34 8.42 43.11
C ARG B 8 11.21 8.12 41.87
N PRO B 9 10.68 8.42 40.68
CA PRO B 9 11.34 8.11 39.40
C PRO B 9 12.49 9.04 39.00
N LEU B 10 13.29 8.61 38.02
CA LEU B 10 14.48 9.36 37.59
C LEU B 10 14.17 10.56 36.70
N THR B 11 13.28 10.40 35.74
CA THR B 11 12.74 11.54 34.99
C THR B 11 11.24 11.47 35.02
N LEU B 12 10.59 12.60 35.25
CA LEU B 12 9.14 12.68 35.17
C LEU B 12 8.73 13.17 33.79
N PRO B 13 7.56 12.74 33.33
CA PRO B 13 6.97 13.29 32.10
C PRO B 13 6.58 14.76 32.30
N PRO B 14 6.62 15.56 31.24
CA PRO B 14 6.31 17.01 31.30
C PRO B 14 4.98 17.37 31.95
N LYS B 15 5.06 18.38 32.83
CA LYS B 15 3.89 19.01 33.45
C LYS B 15 3.24 18.17 34.56
N LEU B 16 3.84 17.03 34.87
CA LEU B 16 3.26 16.13 35.87
C LEU B 16 3.91 16.22 37.24
N SER B 17 3.08 16.37 38.26
CA SER B 17 3.56 16.35 39.64
C SER B 17 3.91 14.93 40.10
N LEU B 18 4.77 14.84 41.13
CA LEU B 18 5.21 13.58 41.71
C LEU B 18 4.04 12.79 42.29
N SER B 19 3.21 13.49 43.06
CA SER B 19 1.95 12.99 43.59
C SER B 19 1.12 12.27 42.51
N ASP B 20 0.99 12.91 41.34
CA ASP B 20 0.23 12.41 40.23
C ASP B 20 0.80 11.09 39.69
N PHE B 21 2.12 11.04 39.53
CA PHE B 21 2.84 9.82 39.10
C PHE B 21 2.55 8.63 40.01
N ASN B 22 2.34 8.92 41.30
CA ASN B 22 2.11 7.86 42.29
C ASN B 22 0.70 7.29 42.33
N GLU B 23 -0.31 8.16 42.24
CA GLU B 23 -1.71 7.73 42.12
C GLU B 23 -1.90 7.04 40.78
N PHE B 24 -1.09 7.43 39.80
CA PHE B 24 -1.14 6.85 38.45
C PHE B 24 -0.60 5.43 38.47
N ILE B 25 0.62 5.27 38.95
CA ILE B 25 1.24 3.97 38.91
C ILE B 25 0.67 2.99 39.95
N GLN B 26 -0.03 3.52 40.96
CA GLN B 26 -0.81 2.67 41.88
C GLN B 26 -1.96 2.04 41.12
N ASP B 27 -2.58 2.84 40.24
CA ASP B 27 -3.73 2.42 39.45
C ASP B 27 -3.34 1.36 38.42
N ILE B 28 -2.16 1.55 37.83
CA ILE B 28 -1.61 0.59 36.88
C ILE B 28 -1.11 -0.68 37.58
N ILE B 29 -0.57 -0.56 38.79
CA ILE B 29 -0.22 -1.75 39.54
C ILE B 29 -1.49 -2.50 39.90
N ARG B 30 -2.56 -1.77 40.16
CA ARG B 30 -3.83 -2.40 40.52
C ARG B 30 -4.45 -3.17 39.36
N ILE B 31 -4.30 -2.65 38.13
CA ILE B 31 -4.84 -3.30 36.92
C ILE B 31 -3.97 -4.46 36.46
N VAL B 32 -2.65 -4.24 36.38
CA VAL B 32 -1.75 -5.22 35.77
C VAL B 32 -0.98 -6.13 36.75
N GLY B 33 -1.03 -5.82 38.04
CA GLY B 33 -0.23 -6.53 39.01
C GLY B 33 1.18 -5.98 39.01
N SER B 34 1.82 -6.00 40.19
CA SER B 34 3.12 -5.34 40.40
C SER B 34 4.30 -5.94 39.62
N GLU B 35 4.08 -7.09 38.99
CA GLU B 35 5.12 -7.78 38.24
C GLU B 35 5.08 -7.41 36.77
N ASN B 36 4.07 -6.64 36.41
CA ASN B 36 3.99 -6.04 35.08
C ASN B 36 4.18 -4.53 35.15
N VAL B 37 4.82 -4.08 36.23
CA VAL B 37 5.26 -2.69 36.40
C VAL B 37 6.62 -2.56 37.09
N GLU B 38 7.58 -1.96 36.38
CA GLU B 38 8.91 -1.62 36.92
C GLU B 38 9.11 -0.11 36.79
N VAL B 39 9.41 0.52 37.91
CA VAL B 39 9.73 1.94 37.95
C VAL B 39 11.25 2.10 37.98
N ILE B 40 11.78 3.13 37.31
CA ILE B 40 13.22 3.29 37.13
C ILE B 40 13.81 4.32 38.12
N SER B 41 14.81 3.92 38.94
CA SER B 41 15.40 4.78 39.97
C SER B 41 16.95 4.94 40.04
N VAL B 47 20.98 0.59 32.73
CA VAL B 47 21.70 -0.66 32.43
C VAL B 47 21.54 -1.13 30.97
N ASP B 48 22.67 -1.28 30.27
CA ASP B 48 22.69 -1.43 28.81
C ASP B 48 22.25 -2.79 28.26
N GLY B 49 22.55 -3.88 28.98
CA GLY B 49 22.21 -5.22 28.52
C GLY B 49 22.78 -5.59 27.15
N SER B 50 22.06 -6.45 26.43
CA SER B 50 22.47 -6.85 25.08
C SER B 50 21.25 -7.09 24.17
N TYR B 51 21.47 -7.69 23.01
CA TYR B 51 20.41 -7.91 22.04
C TYR B 51 19.40 -8.99 22.44
N MET B 52 19.79 -9.92 23.30
CA MET B 52 18.93 -11.07 23.64
C MET B 52 18.05 -10.88 24.89
N LYS B 53 18.55 -10.08 25.82
CA LYS B 53 17.72 -9.51 26.87
C LYS B 53 17.77 -8.01 26.62
N PRO B 54 16.83 -7.51 25.83
CA PRO B 54 16.87 -6.13 25.34
C PRO B 54 16.39 -5.18 26.41
N THR B 55 17.07 -4.04 26.57
CA THR B 55 16.70 -3.08 27.61
C THR B 55 15.41 -2.37 27.23
N HIS B 56 14.54 -2.13 28.19
CA HIS B 56 13.27 -1.52 27.87
C HIS B 56 13.23 -0.05 28.27
N THR B 57 14.27 0.40 28.98
CA THR B 57 14.32 1.74 29.59
C THR B 57 14.88 2.86 28.71
N HIS B 58 15.81 2.52 27.82
CA HIS B 58 16.64 3.52 27.12
C HIS B 58 17.26 2.98 25.82
N ASP B 59 18.27 3.68 25.30
CA ASP B 59 18.86 3.40 23.99
C ASP B 59 20.21 2.69 24.14
N PRO B 60 20.28 1.37 23.89
CA PRO B 60 21.49 0.60 24.20
C PRO B 60 22.70 1.01 23.36
N HIS B 61 22.42 1.59 22.19
CA HIS B 61 23.40 2.12 21.24
C HIS B 61 23.33 3.64 21.23
N HIS B 62 23.52 4.24 22.41
CA HIS B 62 23.29 5.68 22.64
C HIS B 62 24.28 6.59 21.91
N VAL B 63 23.76 7.49 21.07
CA VAL B 63 24.59 8.53 20.43
C VAL B 63 24.62 9.79 21.29
N MET B 64 23.53 10.01 22.04
CA MET B 64 23.41 11.04 23.07
C MET B 64 23.84 10.41 24.38
N ASP B 65 23.81 11.18 25.46
CA ASP B 65 23.95 10.65 26.81
C ASP B 65 23.11 9.38 27.00
N GLN B 66 23.59 8.46 27.83
CA GLN B 66 22.94 7.17 28.02
C GLN B 66 21.51 7.28 28.51
N ASP B 67 21.30 8.28 29.37
CA ASP B 67 20.02 8.54 30.05
C ASP B 67 19.25 9.73 29.44
N TYR B 68 19.67 10.14 28.26
CA TYR B 68 18.96 11.19 27.55
C TYR B 68 17.51 10.79 27.28
N PHE B 69 17.33 9.79 26.42
CA PHE B 69 16.02 9.23 26.12
C PHE B 69 15.77 8.15 27.16
N LEU B 70 14.89 8.43 28.11
CA LEU B 70 14.71 7.54 29.26
C LEU B 70 13.25 7.41 29.71
N ALA B 71 12.86 6.20 30.09
CA ALA B 71 11.51 5.95 30.55
C ALA B 71 11.39 6.34 32.00
N SER B 72 10.18 6.69 32.43
CA SER B 72 9.89 6.83 33.84
C SER B 72 9.51 5.47 34.43
N ALA B 73 8.68 4.73 33.71
CA ALA B 73 8.34 3.38 34.11
C ALA B 73 8.14 2.53 32.87
N ILE B 74 8.13 1.22 33.05
CA ILE B 74 7.80 0.29 31.98
C ILE B 74 6.56 -0.40 32.46
N VAL B 75 5.61 -0.61 31.57
CA VAL B 75 4.42 -1.36 31.92
C VAL B 75 4.14 -2.40 30.86
N ALA B 76 3.74 -3.58 31.32
CA ALA B 76 3.44 -4.73 30.46
C ALA B 76 1.97 -5.17 30.55
N PRO B 77 1.12 -4.65 29.65
CA PRO B 77 -0.30 -5.04 29.61
C PRO B 77 -0.50 -6.55 29.35
N ARG B 78 -1.42 -7.20 30.06
CA ARG B 78 -1.55 -8.66 29.90
C ARG B 78 -2.37 -9.01 28.68
N ASN B 79 -3.38 -8.20 28.44
CA ASN B 79 -4.31 -8.43 27.36
C ASN B 79 -4.73 -7.08 26.79
N VAL B 80 -5.53 -7.10 25.71
CA VAL B 80 -6.02 -5.87 25.08
C VAL B 80 -6.71 -4.91 26.05
N ALA B 81 -7.55 -5.40 26.96
CA ALA B 81 -8.36 -4.50 27.80
C ALA B 81 -7.56 -3.71 28.82
N ASP B 82 -6.33 -4.17 29.12
CA ASP B 82 -5.40 -3.43 29.95
C ASP B 82 -4.87 -2.27 29.15
N VAL B 83 -4.74 -2.48 27.85
CA VAL B 83 -4.32 -1.39 26.98
C VAL B 83 -5.37 -0.31 27.02
N GLN B 84 -6.64 -0.70 26.93
CA GLN B 84 -7.75 0.28 26.98
C GLN B 84 -7.79 1.07 28.28
N SER B 85 -7.48 0.39 29.40
CA SER B 85 -7.44 0.99 30.76
C SER B 85 -6.21 1.85 31.05
N ILE B 86 -5.06 1.42 30.56
CA ILE B 86 -3.84 2.22 30.60
C ILE B 86 -3.97 3.50 29.75
N VAL B 87 -4.71 3.41 28.64
CA VAL B 87 -4.95 4.55 27.77
C VAL B 87 -5.96 5.52 28.41
N GLY B 88 -7.06 4.98 28.91
CA GLY B 88 -8.03 5.78 29.63
C GLY B 88 -7.39 6.55 30.77
N LEU B 89 -6.46 5.91 31.48
CA LEU B 89 -5.72 6.51 32.59
C LEU B 89 -4.71 7.54 32.14
N ALA B 90 -3.95 7.23 31.09
CA ALA B 90 -3.02 8.18 30.50
C ALA B 90 -3.76 9.43 29.96
N ASN B 91 -4.96 9.24 29.44
CA ASN B 91 -5.82 10.37 29.11
C ASN B 91 -6.20 11.14 30.38
N LYS B 92 -6.62 10.41 31.41
CA LYS B 92 -7.01 11.02 32.68
C LYS B 92 -5.90 11.88 33.27
N PHE B 93 -4.65 11.42 33.16
CA PHE B 93 -3.52 12.10 33.80
C PHE B 93 -2.72 12.98 32.84
N SER B 94 -2.96 12.83 31.55
CA SER B 94 -2.13 13.47 30.53
C SER B 94 -0.69 12.94 30.65
N PHE B 95 -0.55 11.63 30.42
CA PHE B 95 0.70 10.91 30.67
C PHE B 95 1.16 10.21 29.40
N PRO B 96 2.22 10.67 28.75
CA PRO B 96 2.64 10.11 27.45
C PRO B 96 3.03 8.65 27.58
N LEU B 97 2.78 7.91 26.50
CA LEU B 97 3.07 6.50 26.43
C LEU B 97 4.03 6.20 25.27
N TRP B 98 4.94 5.25 25.48
CA TRP B 98 5.82 4.77 24.40
C TRP B 98 5.59 3.29 24.11
N PRO B 99 4.83 3.03 23.05
CA PRO B 99 4.43 1.67 22.74
C PRO B 99 5.58 0.95 22.06
N ILE B 100 6.01 -0.16 22.63
CA ILE B 100 6.97 -1.00 21.95
C ILE B 100 6.39 -2.40 21.76
N SER B 101 6.97 -3.19 20.86
CA SER B 101 6.57 -4.58 20.65
C SER B 101 7.57 -5.59 21.21
N ILE B 102 8.85 -5.40 20.90
CA ILE B 102 9.90 -6.22 21.48
C ILE B 102 11.04 -5.31 21.91
N GLY B 103 11.17 -4.16 21.25
CA GLY B 103 12.18 -3.18 21.61
C GLY B 103 13.55 -3.41 21.02
N ARG B 104 13.66 -4.15 19.93
CA ARG B 104 14.96 -4.45 19.36
C ARG B 104 15.30 -3.47 18.23
N ASN B 105 14.59 -2.34 18.22
CA ASN B 105 14.81 -1.24 17.28
C ASN B 105 16.15 -0.51 17.50
N SER B 106 17.20 -1.28 17.79
CA SER B 106 18.56 -0.79 18.03
C SER B 106 19.09 -0.04 16.80
N GLY B 107 19.86 1.01 17.03
CA GLY B 107 20.33 1.81 15.91
C GLY B 107 19.22 2.69 15.36
N TYR B 108 18.08 2.71 16.03
CA TYR B 108 17.01 3.67 15.77
C TYR B 108 16.45 4.20 17.08
N GLY B 109 17.03 3.71 18.19
CA GLY B 109 16.67 4.19 19.52
C GLY B 109 16.43 3.08 20.53
N GLY B 110 16.33 1.85 20.04
CA GLY B 110 15.83 0.75 20.82
C GLY B 110 14.45 1.08 21.36
N ALA B 111 14.24 0.71 22.62
CA ALA B 111 12.92 0.86 23.24
C ALA B 111 12.71 2.20 23.92
N ALA B 112 13.65 3.13 23.77
CA ALA B 112 13.57 4.43 24.43
C ALA B 112 12.42 5.27 23.91
N PRO B 113 11.75 5.97 24.83
CA PRO B 113 10.71 6.93 24.47
C PRO B 113 11.35 8.19 23.88
N ARG B 114 10.70 8.84 22.90
CA ARG B 114 11.24 10.06 22.29
C ARG B 114 11.20 11.17 23.32
N VAL B 115 10.10 11.20 24.07
CA VAL B 115 9.92 12.13 25.17
C VAL B 115 10.33 11.46 26.47
N SER B 116 11.39 11.94 27.12
CA SER B 116 11.79 11.35 28.40
C SER B 116 10.71 11.55 29.44
N GLY B 117 10.45 10.50 30.20
CA GLY B 117 9.47 10.53 31.27
C GLY B 117 8.27 9.66 30.96
N SER B 118 8.23 9.12 29.75
CA SER B 118 7.09 8.30 29.32
C SER B 118 7.01 6.96 30.05
N VAL B 119 5.82 6.41 30.13
CA VAL B 119 5.63 4.98 30.39
C VAL B 119 5.90 4.17 29.12
N VAL B 120 7.04 3.47 29.05
CA VAL B 120 7.29 2.51 27.96
C VAL B 120 6.27 1.35 28.05
N LEU B 121 5.52 1.18 26.97
CA LEU B 121 4.43 0.21 26.98
C LEU B 121 4.90 -1.10 26.37
N ASP B 122 5.33 -2.03 27.22
CA ASP B 122 5.85 -3.32 26.78
C ASP B 122 4.70 -4.23 26.36
N MET B 123 4.33 -4.10 25.10
CA MET B 123 3.21 -4.81 24.50
C MET B 123 3.53 -6.28 24.39
N GLY B 124 4.79 -6.57 24.10
CA GLY B 124 5.24 -7.91 23.80
C GLY B 124 5.40 -8.89 24.95
N LYS B 125 5.53 -8.41 26.18
CA LYS B 125 5.81 -9.30 27.30
C LYS B 125 4.76 -10.38 27.39
N ASN B 126 3.50 -9.98 27.38
CA ASN B 126 2.41 -10.94 27.57
C ASN B 126 1.52 -11.14 26.37
N MET B 127 1.51 -10.17 25.46
CA MET B 127 0.70 -10.27 24.26
C MET B 127 1.55 -10.86 23.16
N ASN B 128 1.29 -12.13 22.89
CA ASN B 128 2.35 -13.10 22.65
C ASN B 128 2.03 -14.17 21.67
N ARG B 129 0.74 -14.33 21.42
CA ARG B 129 0.26 -15.49 20.71
C ARG B 129 0.40 -15.33 19.22
N VAL B 130 0.84 -16.41 18.56
CA VAL B 130 0.54 -16.59 17.16
C VAL B 130 -0.94 -16.95 17.20
N LEU B 131 -1.76 -16.01 16.73
CA LEU B 131 -3.20 -16.19 16.74
C LEU B 131 -3.72 -17.17 15.68
N GLU B 132 -3.20 -17.07 14.47
CA GLU B 132 -3.61 -17.95 13.39
C GLU B 132 -2.50 -18.18 12.39
N VAL B 133 -2.54 -19.35 11.76
CA VAL B 133 -1.79 -19.60 10.55
C VAL B 133 -2.78 -20.22 9.60
N ASN B 134 -3.01 -19.57 8.47
CA ASN B 134 -4.01 -20.02 7.53
C ASN B 134 -3.34 -20.55 6.29
N VAL B 135 -3.51 -21.85 6.00
CA VAL B 135 -2.76 -22.47 4.91
C VAL B 135 -3.27 -22.17 3.50
N GLU B 136 -4.58 -22.19 3.30
CA GLU B 136 -5.08 -21.96 1.95
C GLU B 136 -5.11 -20.49 1.61
N GLY B 137 -5.25 -19.64 2.62
CA GLY B 137 -5.16 -18.21 2.46
C GLY B 137 -3.72 -17.73 2.44
N ALA B 138 -2.80 -18.56 2.98
CA ALA B 138 -1.37 -18.27 3.03
C ALA B 138 -1.06 -16.95 3.78
N TYR B 139 -1.45 -16.95 5.06
CA TYR B 139 -1.26 -15.79 5.92
C TYR B 139 -1.15 -16.16 7.43
N CYS B 140 -0.77 -15.20 8.26
CA CYS B 140 -0.81 -15.41 9.71
C CYS B 140 -1.34 -14.15 10.40
N VAL B 141 -1.95 -14.29 11.57
CA VAL B 141 -2.19 -13.13 12.42
C VAL B 141 -1.20 -13.24 13.57
N VAL B 142 -0.74 -12.10 14.08
CA VAL B 142 0.35 -12.08 15.06
C VAL B 142 0.13 -10.96 16.07
N GLU B 143 0.48 -11.22 17.33
CA GLU B 143 0.51 -10.18 18.37
C GLU B 143 1.92 -9.56 18.44
N PRO B 144 2.02 -8.40 19.07
CA PRO B 144 3.30 -7.70 19.22
C PRO B 144 4.46 -8.56 19.70
N GLY B 145 4.22 -9.56 20.57
CA GLY B 145 5.28 -10.31 21.25
C GLY B 145 5.88 -11.48 20.48
N VAL B 146 5.26 -11.86 19.36
CA VAL B 146 5.83 -12.87 18.47
C VAL B 146 7.02 -12.28 17.72
N THR B 147 8.18 -12.89 17.89
CA THR B 147 9.38 -12.53 17.13
C THR B 147 9.39 -13.25 15.79
N TYR B 148 10.47 -13.07 15.04
CA TYR B 148 10.70 -13.85 13.83
C TYR B 148 11.01 -15.33 14.15
N HIS B 149 11.91 -15.55 15.13
CA HIS B 149 12.18 -16.86 15.71
C HIS B 149 10.95 -17.58 16.31
N ASP B 150 10.16 -16.84 17.10
CA ASP B 150 8.91 -17.34 17.69
C ASP B 150 8.03 -18.04 16.67
N LEU B 151 7.77 -17.35 15.56
CA LEU B 151 6.88 -17.84 14.50
C LEU B 151 7.51 -18.99 13.79
N HIS B 152 8.82 -18.90 13.56
CA HIS B 152 9.54 -19.99 12.93
C HIS B 152 9.44 -21.28 13.74
N ASN B 153 9.60 -21.21 15.05
CA ASN B 153 9.38 -22.39 15.90
C ASN B 153 7.91 -22.82 15.88
N TYR B 154 6.99 -21.89 15.62
CA TYR B 154 5.58 -22.26 15.51
C TYR B 154 5.35 -23.08 14.25
N LEU B 155 6.02 -22.71 13.16
CA LEU B 155 5.86 -23.43 11.91
C LEU B 155 6.53 -24.80 11.91
N GLU B 156 7.60 -24.94 12.69
CA GLU B 156 8.33 -26.20 12.73
C GLU B 156 7.61 -27.23 13.59
N ALA B 157 7.16 -26.83 14.77
CA ALA B 157 6.35 -27.68 15.66
C ALA B 157 4.89 -27.94 15.17
N ASN B 158 4.53 -27.39 14.00
CA ASN B 158 3.27 -27.72 13.32
C ASN B 158 3.45 -28.26 11.91
N ASN B 159 4.70 -28.60 11.58
CA ASN B 159 5.09 -29.19 10.28
C ASN B 159 4.92 -28.27 9.05
N LEU B 160 4.75 -26.96 9.29
CA LEU B 160 4.31 -25.98 8.28
C LEU B 160 5.38 -25.42 7.35
N ARG B 161 6.65 -25.55 7.77
CA ARG B 161 7.83 -25.24 6.98
C ARG B 161 7.77 -25.88 5.59
N ASP B 162 7.03 -26.98 5.51
CA ASP B 162 6.74 -27.73 4.29
C ASP B 162 5.91 -26.93 3.28
N LYS B 163 4.96 -26.15 3.80
CA LYS B 163 3.90 -25.50 3.01
C LYS B 163 4.01 -23.97 2.96
N LEU B 164 4.60 -23.36 3.98
CA LEU B 164 4.69 -21.90 4.08
C LEU B 164 6.05 -21.38 4.59
N TRP B 165 6.59 -20.36 3.91
CA TRP B 165 7.83 -19.68 4.32
C TRP B 165 7.64 -18.27 4.93
N LEU B 166 8.47 -17.95 5.93
CA LEU B 166 8.53 -16.61 6.57
C LEU B 166 9.33 -15.59 5.76
N ASP B 167 9.40 -14.36 6.29
CA ASP B 167 10.32 -13.36 5.75
C ASP B 167 10.96 -12.56 6.86
N VAL B 168 12.27 -12.67 6.91
CA VAL B 168 13.06 -12.24 8.07
C VAL B 168 14.00 -11.15 7.63
N PRO B 169 14.23 -10.17 8.50
CA PRO B 169 15.35 -9.23 8.34
C PRO B 169 16.68 -9.96 8.56
N ASP B 170 17.76 -9.23 8.87
CA ASP B 170 19.08 -9.85 9.11
C ASP B 170 19.17 -10.71 10.37
N LEU B 171 18.27 -10.48 11.31
CA LEU B 171 18.29 -11.10 12.62
C LEU B 171 16.91 -11.64 12.95
N GLY B 172 16.84 -12.44 14.02
CA GLY B 172 15.60 -13.10 14.36
C GLY B 172 14.83 -12.61 15.57
N GLY B 173 15.40 -11.70 16.35
CA GLY B 173 14.71 -11.21 17.54
C GLY B 173 13.57 -10.23 17.32
N GLY B 174 13.57 -9.57 16.18
CA GLY B 174 12.59 -8.54 15.85
C GLY B 174 11.14 -8.99 15.83
N SER B 175 10.25 -8.04 16.16
CA SER B 175 8.81 -8.26 16.14
C SER B 175 8.32 -8.36 14.72
N VAL B 176 7.49 -9.36 14.44
CA VAL B 176 6.90 -9.47 13.12
C VAL B 176 6.05 -8.22 12.85
N LEU B 177 5.19 -7.88 13.82
CA LEU B 177 4.31 -6.71 13.77
C LEU B 177 5.04 -5.40 14.03
N GLY B 178 5.90 -5.37 15.05
CA GLY B 178 6.75 -4.21 15.32
C GLY B 178 7.51 -3.77 14.07
N ASN B 179 8.31 -4.69 13.53
CA ASN B 179 9.03 -4.47 12.28
C ASN B 179 8.16 -3.97 11.14
N ALA B 180 6.94 -4.50 11.04
CA ALA B 180 6.04 -4.23 9.91
C ALA B 180 5.53 -2.81 9.95
N VAL B 181 5.12 -2.36 11.14
CA VAL B 181 4.68 -0.98 11.29
C VAL B 181 5.82 0.03 11.14
N GLU B 182 7.06 -0.47 11.16
CA GLU B 182 8.22 0.37 10.85
C GLU B 182 8.50 0.41 9.36
N ARG B 183 7.73 -0.33 8.57
CA ARG B 183 7.89 -0.42 7.12
C ARG B 183 9.26 -1.02 6.78
N GLY B 184 9.73 -1.88 7.67
CA GLY B 184 11.01 -2.54 7.54
C GLY B 184 11.04 -3.52 6.39
N VAL B 185 12.22 -4.05 6.14
CA VAL B 185 12.55 -4.75 4.91
C VAL B 185 13.26 -6.08 5.19
N GLY B 186 12.81 -7.14 4.50
CA GLY B 186 13.41 -8.45 4.57
C GLY B 186 13.87 -8.87 3.19
N TYR B 187 14.06 -10.16 2.97
CA TYR B 187 14.84 -10.55 1.80
C TYR B 187 14.35 -11.71 0.89
N THR B 188 13.08 -12.09 0.97
CA THR B 188 12.46 -12.92 -0.08
C THR B 188 11.54 -12.02 -0.97
N PRO B 189 10.84 -12.58 -1.97
CA PRO B 189 9.81 -11.81 -2.66
C PRO B 189 8.79 -11.15 -1.71
N TYR B 190 8.78 -11.57 -0.44
CA TYR B 190 7.87 -11.01 0.56
C TYR B 190 8.59 -10.02 1.47
N GLY B 191 9.70 -9.46 0.98
CA GLY B 191 10.55 -8.62 1.78
C GLY B 191 10.05 -7.23 2.10
N ASP B 192 8.98 -6.79 1.45
CA ASP B 192 8.35 -5.51 1.77
C ASP B 192 7.30 -5.77 2.86
N HIS B 193 7.77 -5.94 4.08
CA HIS B 193 6.94 -6.34 5.19
C HIS B 193 5.60 -5.61 5.32
N TRP B 194 5.61 -4.28 5.25
CA TRP B 194 4.38 -3.55 5.44
C TRP B 194 3.36 -3.89 4.34
N MET B 195 3.82 -4.05 3.10
CA MET B 195 2.92 -4.29 1.92
C MET B 195 2.25 -5.66 1.97
N MET B 196 2.75 -6.50 2.87
CA MET B 196 2.28 -7.85 3.04
C MET B 196 1.24 -7.94 4.15
N HIS B 197 0.97 -6.81 4.80
CA HIS B 197 -0.01 -6.76 5.89
C HIS B 197 -1.43 -6.79 5.35
N SER B 198 -2.36 -7.20 6.19
CA SER B 198 -3.78 -7.11 5.89
C SER B 198 -4.53 -7.34 7.16
N GLY B 199 -5.46 -6.43 7.49
CA GLY B 199 -6.34 -6.56 8.62
C GLY B 199 -5.63 -6.38 9.94
N MET B 200 -5.54 -5.14 10.41
CA MET B 200 -4.83 -4.89 11.66
C MET B 200 -5.74 -4.33 12.71
N GLU B 201 -5.44 -4.72 13.96
CA GLU B 201 -6.16 -4.23 15.12
C GLU B 201 -5.42 -3.07 15.76
N VAL B 202 -6.15 -2.08 16.25
CA VAL B 202 -5.53 -0.90 16.82
C VAL B 202 -6.31 -0.43 18.04
N VAL B 203 -5.62 -0.08 19.12
CA VAL B 203 -6.29 0.68 20.17
C VAL B 203 -6.04 2.16 19.86
N LEU B 204 -7.12 2.90 19.60
CA LEU B 204 -6.99 4.34 19.31
C LEU B 204 -6.53 5.15 20.53
N ALA B 205 -6.27 6.44 20.36
CA ALA B 205 -5.76 7.26 21.46
C ALA B 205 -6.86 7.55 22.45
N ASN B 206 -8.09 7.68 21.95
CA ASN B 206 -9.26 7.84 22.80
C ASN B 206 -9.73 6.53 23.46
N GLY B 207 -9.08 5.42 23.14
CA GLY B 207 -9.32 4.19 23.85
C GLY B 207 -10.08 3.12 23.09
N GLU B 208 -10.74 3.51 22.01
CA GLU B 208 -11.60 2.62 21.25
C GLU B 208 -10.83 1.66 20.35
N LEU B 209 -11.32 0.43 20.29
CA LEU B 209 -10.70 -0.60 19.48
C LEU B 209 -11.19 -0.43 18.08
N LEU B 210 -10.26 -0.53 17.15
CA LEU B 210 -10.56 -0.47 15.73
C LEU B 210 -9.79 -1.56 14.98
N ARG B 211 -10.48 -2.34 14.14
CA ARG B 211 -9.82 -3.12 13.07
C ARG B 211 -10.06 -2.51 11.68
N THR B 212 -9.04 -2.56 10.82
CA THR B 212 -9.05 -1.89 9.52
C THR B 212 -9.26 -2.87 8.40
N GLY B 213 -9.48 -2.31 7.20
CA GLY B 213 -9.80 -3.05 6.00
C GLY B 213 -11.10 -3.81 6.10
N MET B 214 -11.05 -5.09 5.77
CA MET B 214 -12.19 -5.98 5.94
C MET B 214 -12.19 -6.50 7.36
N GLY B 215 -11.24 -6.03 8.18
CA GLY B 215 -11.39 -6.16 9.60
C GLY B 215 -12.61 -5.41 10.11
N ALA B 216 -13.09 -4.43 9.36
CA ALA B 216 -14.29 -3.72 9.75
C ALA B 216 -15.61 -4.44 9.41
N LEU B 217 -15.53 -5.46 8.56
CA LEU B 217 -16.64 -6.36 8.27
C LEU B 217 -16.76 -7.39 9.37
N PRO B 218 -17.85 -7.35 10.12
CA PRO B 218 -18.03 -8.26 11.26
C PRO B 218 -18.26 -9.72 10.83
N ASP B 219 -17.60 -10.66 11.51
CA ASP B 219 -17.88 -12.07 11.31
C ASP B 219 -19.33 -12.32 11.71
N PRO B 220 -20.13 -12.94 10.82
CA PRO B 220 -21.55 -13.14 11.09
C PRO B 220 -21.80 -13.90 12.37
N LYS B 221 -22.78 -13.46 13.15
CA LYS B 221 -23.12 -14.09 14.43
C LYS B 221 -23.25 -15.63 14.31
N ARG B 222 -22.68 -16.33 15.28
CA ARG B 222 -22.93 -17.75 15.52
C ARG B 222 -22.79 -18.07 17.02
N PRO B 223 -23.40 -19.16 17.50
CA PRO B 223 -23.42 -19.50 18.94
C PRO B 223 -22.10 -19.53 19.73
N GLU B 224 -21.01 -19.98 19.12
CA GLU B 224 -19.74 -20.22 19.84
C GLU B 224 -18.96 -18.94 20.18
N THR B 225 -19.28 -17.86 19.45
CA THR B 225 -18.62 -16.54 19.56
C THR B 225 -19.49 -15.44 20.22
N MET B 226 -20.57 -15.85 20.88
CA MET B 226 -21.50 -14.91 21.50
C MET B 226 -20.96 -14.38 22.81
N GLY B 227 -20.99 -13.06 22.97
CA GLY B 227 -20.63 -12.39 24.21
C GLY B 227 -19.14 -12.31 24.44
N LEU B 228 -18.37 -12.60 23.40
CA LEU B 228 -16.93 -12.42 23.41
C LEU B 228 -16.59 -10.94 23.34
N LYS B 229 -15.80 -10.46 24.30
CA LYS B 229 -15.21 -9.12 24.26
C LYS B 229 -14.66 -8.88 22.84
N PRO B 230 -14.95 -7.71 22.26
CA PRO B 230 -14.54 -7.41 20.87
C PRO B 230 -13.11 -7.84 20.47
N GLU B 231 -12.16 -7.61 21.37
CA GLU B 231 -10.74 -7.96 21.22
C GLU B 231 -10.50 -9.44 20.93
N ASP B 232 -11.33 -10.27 21.55
CA ASP B 232 -11.21 -11.71 21.51
C ASP B 232 -11.97 -12.35 20.33
N GLN B 233 -12.65 -11.51 19.54
CA GLN B 233 -13.57 -11.98 18.48
C GLN B 233 -12.82 -12.44 17.26
N PRO B 234 -13.39 -13.39 16.53
CA PRO B 234 -12.88 -13.74 15.20
C PRO B 234 -12.99 -12.60 14.19
N TRP B 235 -12.26 -12.74 13.08
CA TRP B 235 -12.32 -11.81 11.97
C TRP B 235 -13.19 -12.49 10.95
N SER B 236 -13.80 -11.74 10.03
CA SER B 236 -14.53 -12.36 8.94
C SER B 236 -13.55 -12.89 7.89
N LYS B 237 -14.03 -13.63 6.90
CA LYS B 237 -13.10 -14.42 6.08
C LYS B 237 -12.09 -13.65 5.21
N ILE B 238 -12.50 -12.53 4.62
CA ILE B 238 -11.62 -11.75 3.76
C ILE B 238 -10.72 -10.80 4.56
N ALA B 239 -10.90 -10.77 5.88
CA ALA B 239 -10.13 -9.87 6.75
C ALA B 239 -8.67 -9.76 6.36
N HIS B 240 -8.00 -10.92 6.25
CA HIS B 240 -6.57 -10.94 6.03
C HIS B 240 -6.17 -11.40 4.64
N LEU B 241 -7.07 -11.26 3.66
CA LEU B 241 -6.75 -11.58 2.25
C LEU B 241 -6.75 -10.39 1.31
N PHE B 242 -7.45 -9.32 1.69
CA PHE B 242 -7.59 -8.10 0.90
C PHE B 242 -7.50 -6.94 1.88
N PRO B 243 -6.45 -6.12 1.75
CA PRO B 243 -6.20 -5.03 2.69
C PRO B 243 -7.21 -3.89 2.64
N TYR B 244 -7.72 -3.58 1.46
CA TYR B 244 -8.44 -2.34 1.19
C TYR B 244 -9.77 -2.13 1.92
N GLY B 245 -10.51 -3.19 2.18
CA GLY B 245 -11.89 -3.06 2.58
C GLY B 245 -12.56 -2.09 1.61
N PHE B 246 -13.40 -1.22 2.17
CA PHE B 246 -14.17 -0.20 1.47
C PHE B 246 -13.82 1.09 2.14
N GLY B 247 -13.81 2.19 1.36
CA GLY B 247 -13.68 3.52 1.92
C GLY B 247 -12.26 3.99 1.94
N PRO B 248 -11.99 5.12 2.60
CA PRO B 248 -10.61 5.59 2.71
C PRO B 248 -9.71 4.52 3.36
N TYR B 249 -8.49 4.39 2.86
CA TYR B 249 -7.58 3.29 3.21
C TYR B 249 -6.59 3.74 4.29
N ILE B 250 -6.97 3.52 5.54
CA ILE B 250 -6.35 4.23 6.66
C ILE B 250 -5.14 3.51 7.25
N ASP B 251 -4.83 2.32 6.75
CA ASP B 251 -3.84 1.50 7.44
C ASP B 251 -2.53 2.24 7.70
N GLY B 252 -2.08 2.98 6.67
CA GLY B 252 -0.74 3.57 6.60
C GLY B 252 -0.52 4.72 7.56
N LEU B 253 -1.63 5.08 8.22
CA LEU B 253 -1.64 6.07 9.27
C LEU B 253 -1.13 5.45 10.55
N PHE B 254 -0.87 4.15 10.54
CA PHE B 254 -0.42 3.42 11.71
C PHE B 254 0.94 2.79 11.49
N SER B 255 1.64 3.23 10.44
CA SER B 255 3.03 2.89 10.25
C SER B 255 3.88 4.15 10.26
N GLN B 256 4.88 4.15 11.14
CA GLN B 256 5.79 5.28 11.40
C GLN B 256 5.02 6.54 11.85
N SER B 257 3.90 6.31 12.53
CA SER B 257 3.00 7.35 13.05
C SER B 257 2.81 7.20 14.55
N ASN B 258 2.12 8.14 15.17
CA ASN B 258 1.73 7.97 16.57
C ASN B 258 0.20 7.91 16.68
N MET B 259 -0.45 7.32 15.69
CA MET B 259 -1.90 7.44 15.60
C MET B 259 -2.61 6.40 16.41
N GLY B 260 -1.87 5.37 16.83
CA GLY B 260 -2.39 4.37 17.75
C GLY B 260 -1.41 3.31 18.23
N ILE B 261 -1.95 2.38 19.01
CA ILE B 261 -1.23 1.23 19.50
C ILE B 261 -1.83 0.06 18.74
N VAL B 262 -0.97 -0.70 18.06
CA VAL B 262 -1.38 -1.82 17.24
C VAL B 262 -1.39 -3.05 18.12
N THR B 263 -2.44 -3.85 18.02
CA THR B 263 -2.56 -4.99 18.91
C THR B 263 -2.58 -6.32 18.19
N LYS B 264 -2.78 -6.30 16.86
CA LYS B 264 -2.93 -7.49 16.03
C LYS B 264 -2.61 -7.05 14.63
N ILE B 265 -1.94 -7.92 13.87
CA ILE B 265 -1.71 -7.66 12.46
C ILE B 265 -1.70 -8.98 11.66
N GLY B 266 -2.23 -8.94 10.44
CA GLY B 266 -2.14 -10.09 9.55
C GLY B 266 -0.98 -9.86 8.63
N ILE B 267 -0.11 -10.84 8.45
CA ILE B 267 0.96 -10.75 7.44
C ILE B 267 0.87 -11.95 6.50
N TRP B 268 0.85 -11.66 5.20
CA TRP B 268 0.90 -12.71 4.18
C TRP B 268 2.17 -13.53 4.22
N LEU B 269 1.98 -14.84 4.05
CA LEU B 269 3.06 -15.79 4.00
C LEU B 269 3.17 -16.36 2.61
N MET B 270 4.41 -16.50 2.13
CA MET B 270 4.70 -17.04 0.81
C MET B 270 4.71 -18.57 0.86
N PRO B 271 3.89 -19.23 0.03
CA PRO B 271 3.98 -20.68 -0.11
C PRO B 271 5.39 -21.11 -0.47
N ASN B 272 5.81 -22.27 0.05
CA ASN B 272 7.01 -22.96 -0.43
C ASN B 272 7.00 -22.87 -1.95
N PRO B 273 8.11 -22.41 -2.54
CA PRO B 273 8.18 -22.25 -4.00
C PRO B 273 8.39 -23.54 -4.80
N ARG B 274 8.90 -24.60 -4.19
CA ARG B 274 9.19 -25.83 -4.91
C ARG B 274 10.59 -25.88 -5.51
N GLY B 275 11.42 -24.91 -5.16
CA GLY B 275 12.79 -24.81 -5.62
C GLY B 275 13.47 -23.62 -4.97
N TYR B 276 14.70 -23.80 -4.53
CA TYR B 276 15.45 -22.72 -3.89
C TYR B 276 16.93 -22.82 -4.17
N GLN B 277 17.60 -21.67 -4.25
CA GLN B 277 19.06 -21.58 -4.35
C GLN B 277 19.58 -20.15 -4.21
N SER B 278 20.34 -19.90 -3.15
CA SER B 278 21.04 -18.62 -3.00
C SER B 278 22.34 -18.61 -3.79
N TYR B 279 23.02 -17.47 -3.77
CA TYR B 279 24.23 -17.30 -4.54
C TYR B 279 24.87 -15.99 -4.21
N LEU B 280 26.18 -15.93 -4.47
CA LEU B 280 26.96 -14.73 -4.27
C LEU B 280 27.71 -14.36 -5.54
N ILE B 281 27.61 -13.10 -5.95
CA ILE B 281 28.44 -12.63 -7.04
C ILE B 281 29.45 -11.63 -6.47
N THR B 282 30.73 -11.88 -6.71
CA THR B 282 31.77 -10.98 -6.17
C THR B 282 32.24 -9.96 -7.21
N LEU B 283 32.34 -8.71 -6.75
CA LEU B 283 32.64 -7.59 -7.62
C LEU B 283 34.00 -7.00 -7.22
N PRO B 284 35.03 -7.26 -8.03
CA PRO B 284 36.41 -6.95 -7.65
C PRO B 284 36.66 -5.50 -7.22
N LYS B 285 36.33 -4.51 -8.05
CA LYS B 285 36.73 -3.11 -7.80
C LYS B 285 35.68 -2.27 -7.02
N ASP B 286 36.13 -1.29 -6.23
CA ASP B 286 35.21 -0.39 -5.52
C ASP B 286 34.20 0.26 -6.48
N GLY B 287 34.68 0.78 -7.59
CA GLY B 287 33.81 1.41 -8.55
C GLY B 287 32.95 0.47 -9.39
N ASP B 288 32.97 -0.82 -9.07
CA ASP B 288 32.15 -1.81 -9.79
C ASP B 288 30.70 -1.78 -9.32
N LEU B 289 30.48 -1.21 -8.15
CA LEU B 289 29.14 -0.85 -7.76
C LEU B 289 28.37 -0.22 -8.95
N LYS B 290 29.07 0.56 -9.75
CA LYS B 290 28.38 1.37 -10.75
C LYS B 290 27.73 0.55 -11.89
N GLN B 291 28.47 -0.39 -12.46
CA GLN B 291 27.92 -1.21 -13.52
C GLN B 291 27.06 -2.31 -12.96
N ALA B 292 27.36 -2.75 -11.74
CA ALA B 292 26.49 -3.68 -11.03
C ALA B 292 25.06 -3.13 -10.97
N VAL B 293 24.87 -2.02 -10.27
CA VAL B 293 23.53 -1.47 -10.12
C VAL B 293 22.90 -1.36 -11.49
N ASP B 294 23.70 -0.92 -12.47
CA ASP B 294 23.25 -0.76 -13.85
C ASP B 294 22.78 -2.06 -14.49
N ILE B 295 23.38 -3.17 -14.04
CA ILE B 295 23.01 -4.50 -14.53
C ILE B 295 21.76 -5.04 -13.81
N ILE B 296 21.68 -4.77 -12.51
CA ILE B 296 20.52 -5.10 -11.69
C ILE B 296 19.21 -4.38 -12.12
N ARG B 297 19.32 -3.14 -12.58
CA ARG B 297 18.16 -2.32 -12.98
C ARG B 297 17.09 -3.03 -13.81
N PRO B 298 17.40 -3.39 -15.06
CA PRO B 298 16.44 -4.12 -15.90
C PRO B 298 16.12 -5.52 -15.41
N LEU B 299 16.97 -6.12 -14.60
CA LEU B 299 16.73 -7.47 -14.09
C LEU B 299 15.80 -7.46 -12.87
N ARG B 300 15.84 -6.39 -12.09
CA ARG B 300 14.95 -6.23 -10.96
C ARG B 300 13.54 -5.96 -11.44
N LEU B 301 13.44 -5.05 -12.40
CA LEU B 301 12.18 -4.61 -12.97
C LEU B 301 11.48 -5.70 -13.78
N GLY B 302 12.10 -6.86 -13.87
CA GLY B 302 11.66 -7.88 -14.81
C GLY B 302 11.69 -9.29 -14.27
N MET B 303 11.65 -9.42 -12.95
CA MET B 303 11.48 -10.73 -12.34
C MET B 303 12.44 -11.84 -12.89
N ALA B 304 13.70 -11.44 -13.06
CA ALA B 304 14.85 -12.33 -12.98
C ALA B 304 15.37 -12.26 -11.55
N LEU B 305 15.17 -11.10 -10.93
CA LEU B 305 15.44 -10.85 -9.52
C LEU B 305 14.11 -10.65 -8.78
N GLN B 306 13.62 -11.74 -8.19
CA GLN B 306 12.27 -11.82 -7.63
C GLN B 306 12.18 -11.25 -6.19
N ASN B 307 13.28 -11.40 -5.44
CA ASN B 307 13.26 -11.09 -4.04
C ASN B 307 13.86 -9.70 -3.81
N VAL B 308 14.45 -9.48 -2.64
CA VAL B 308 15.19 -8.27 -2.33
C VAL B 308 16.66 -8.71 -2.08
N PRO B 309 17.50 -8.68 -3.12
CA PRO B 309 18.92 -8.97 -2.97
C PRO B 309 19.68 -7.79 -2.40
N THR B 310 20.82 -8.06 -1.79
CA THR B 310 21.60 -7.02 -1.16
C THR B 310 22.99 -6.90 -1.76
N ILE B 311 23.49 -5.66 -1.80
CA ILE B 311 24.85 -5.37 -2.23
C ILE B 311 25.60 -4.91 -1.01
N ARG B 312 26.57 -5.73 -0.58
CA ARG B 312 27.25 -5.51 0.67
C ARG B 312 28.63 -4.92 0.42
N HIS B 313 29.01 -3.95 1.24
CA HIS B 313 30.38 -3.48 1.31
C HIS B 313 31.28 -4.53 1.99
N ILE B 314 32.53 -4.57 1.53
CA ILE B 314 33.53 -5.54 1.99
C ILE B 314 33.78 -5.49 3.50
N LEU B 315 33.52 -4.35 4.11
CA LEU B 315 33.78 -4.22 5.54
C LEU B 315 32.61 -4.77 6.32
N LEU B 316 31.47 -4.98 5.63
CA LEU B 316 30.26 -5.49 6.27
C LEU B 316 30.41 -6.97 6.55
N ASP B 317 31.04 -7.68 5.63
CA ASP B 317 31.28 -9.09 5.83
C ASP B 317 32.51 -9.33 6.71
N ALA B 318 33.53 -8.49 6.51
CA ALA B 318 34.74 -8.50 7.31
C ALA B 318 34.43 -8.31 8.77
N ALA B 319 33.43 -7.49 9.04
CA ALA B 319 33.03 -7.19 10.40
C ALA B 319 32.30 -8.36 11.05
N VAL B 320 31.64 -9.17 10.23
CA VAL B 320 30.96 -10.37 10.72
C VAL B 320 31.96 -11.47 11.16
N LEU B 321 33.17 -11.42 10.60
CA LEU B 321 34.16 -12.47 10.85
C LEU B 321 35.24 -12.11 11.87
N GLY B 322 35.41 -10.81 12.15
CA GLY B 322 36.34 -10.34 13.15
C GLY B 322 36.38 -8.83 13.33
N ASP B 323 36.50 -8.39 14.57
CA ASP B 323 36.63 -6.98 14.93
C ASP B 323 37.73 -6.25 14.15
N LYS B 324 37.76 -4.91 14.25
CA LYS B 324 38.73 -4.10 13.49
C LYS B 324 40.14 -4.33 13.98
N ARG B 325 40.28 -4.55 15.29
CA ARG B 325 41.59 -4.78 15.91
C ARG B 325 42.33 -5.97 15.32
N SER B 326 41.60 -6.87 14.64
CA SER B 326 42.16 -8.07 14.01
C SER B 326 42.59 -7.93 12.54
N TYR B 327 42.35 -6.78 11.93
CA TYR B 327 42.77 -6.55 10.54
C TYR B 327 43.83 -5.46 10.46
N SER B 328 43.86 -4.61 11.48
CA SER B 328 44.69 -3.44 11.51
C SER B 328 44.83 -2.95 12.93
N SER B 329 46.00 -2.41 13.27
CA SER B 329 46.20 -1.74 14.54
C SER B 329 46.10 -0.22 14.39
N ARG B 330 45.47 0.22 13.29
CA ARG B 330 45.35 1.63 12.99
C ARG B 330 44.17 2.23 13.72
N THR B 331 44.26 3.51 14.07
CA THR B 331 43.17 4.24 14.72
C THR B 331 42.30 4.94 13.69
N GLU B 332 42.95 5.59 12.72
CA GLU B 332 42.28 6.21 11.57
C GLU B 332 41.57 5.17 10.67
N PRO B 333 40.69 5.58 9.77
CA PRO B 333 39.95 4.61 8.94
C PRO B 333 40.87 3.90 7.96
N LEU B 334 40.42 2.79 7.41
CA LEU B 334 41.27 1.97 6.57
C LEU B 334 41.40 2.59 5.20
N SER B 335 42.60 2.48 4.64
CA SER B 335 42.88 3.03 3.32
C SER B 335 42.25 2.16 2.26
N ASP B 336 42.31 2.62 1.02
CA ASP B 336 41.79 1.89 -0.11
C ASP B 336 42.51 0.55 -0.25
N GLU B 337 43.84 0.56 -0.13
CA GLU B 337 44.69 -0.62 -0.38
C GLU B 337 44.47 -1.72 0.64
N GLU B 338 44.28 -1.35 1.90
CA GLU B 338 44.08 -2.32 2.97
C GLU B 338 42.71 -3.01 2.94
N LEU B 339 41.80 -2.46 2.13
CA LEU B 339 40.50 -3.07 1.89
C LEU B 339 40.59 -4.06 0.74
N ASP B 340 41.27 -3.69 -0.34
CA ASP B 340 41.66 -4.64 -1.37
C ASP B 340 42.38 -5.84 -0.73
N LYS B 341 43.17 -5.58 0.30
CA LYS B 341 43.87 -6.62 1.06
C LYS B 341 42.91 -7.53 1.79
N ILE B 342 41.94 -6.94 2.49
CA ILE B 342 40.92 -7.70 3.24
C ILE B 342 39.94 -8.41 2.31
N ALA B 343 39.88 -7.95 1.06
CA ALA B 343 39.04 -8.55 0.04
C ALA B 343 39.64 -9.87 -0.42
N LYS B 344 40.85 -9.80 -0.97
CA LYS B 344 41.60 -10.97 -1.46
C LYS B 344 41.81 -11.99 -0.35
N GLN B 345 41.93 -11.50 0.88
CA GLN B 345 41.97 -12.34 2.07
C GLN B 345 40.75 -13.27 2.10
N LEU B 346 39.59 -12.69 2.40
CA LEU B 346 38.32 -13.40 2.62
C LEU B 346 37.69 -14.11 1.41
N ASN B 347 38.26 -13.90 0.23
CA ASN B 347 37.71 -14.36 -1.05
C ASN B 347 36.51 -13.54 -1.56
N LEU B 348 36.37 -12.33 -1.01
CA LEU B 348 35.25 -11.46 -1.39
C LEU B 348 35.68 -10.35 -2.35
N GLY B 349 34.73 -9.54 -2.80
CA GLY B 349 35.04 -8.39 -3.63
C GLY B 349 35.07 -7.13 -2.79
N ARG B 350 35.00 -5.98 -3.46
CA ARG B 350 34.87 -4.73 -2.74
C ARG B 350 33.38 -4.57 -2.47
N TRP B 351 32.59 -5.09 -3.41
CA TRP B 351 31.16 -5.18 -3.27
C TRP B 351 30.74 -6.61 -3.53
N ASN B 352 29.66 -6.99 -2.86
CA ASN B 352 29.22 -8.37 -2.94
C ASN B 352 27.72 -8.51 -3.05
N PHE B 353 27.29 -9.13 -4.14
CA PHE B 353 25.87 -9.20 -4.45
C PHE B 353 25.31 -10.58 -4.08
N TYR B 354 24.34 -10.56 -3.15
CA TYR B 354 23.75 -11.78 -2.61
C TYR B 354 22.34 -11.87 -3.12
N GLY B 355 22.00 -12.96 -3.79
CA GLY B 355 20.68 -13.15 -4.35
C GLY B 355 20.11 -14.54 -4.12
N ALA B 356 19.02 -14.87 -4.83
CA ALA B 356 18.37 -16.15 -4.71
C ALA B 356 17.35 -16.31 -5.82
N LEU B 357 17.20 -17.52 -6.34
CA LEU B 357 16.12 -17.80 -7.28
C LEU B 357 15.11 -18.70 -6.59
N TYR B 358 13.83 -18.43 -6.81
CA TYR B 358 12.73 -19.23 -6.25
C TYR B 358 11.82 -19.88 -7.30
N GLY B 359 11.57 -21.17 -7.16
CA GLY B 359 10.62 -21.86 -8.02
C GLY B 359 11.19 -23.17 -8.54
N PRO B 360 10.47 -23.82 -9.44
CA PRO B 360 10.92 -25.09 -10.01
C PRO B 360 12.12 -24.95 -10.96
N GLU B 361 12.97 -25.97 -10.96
CA GLU B 361 14.28 -25.93 -11.64
C GLU B 361 14.31 -25.43 -13.10
N PRO B 362 13.50 -26.00 -13.99
CA PRO B 362 13.39 -25.49 -15.37
C PRO B 362 13.59 -23.97 -15.53
N ILE B 363 12.91 -23.19 -14.69
CA ILE B 363 12.93 -21.72 -14.73
C ILE B 363 14.16 -21.11 -14.00
N ARG B 364 14.42 -21.53 -12.76
CA ARG B 364 15.67 -21.20 -12.05
C ARG B 364 16.88 -21.24 -12.99
N ARG B 365 17.09 -22.41 -13.58
CA ARG B 365 18.03 -22.63 -14.68
C ARG B 365 18.16 -21.42 -15.60
N VAL B 366 17.06 -21.02 -16.25
CA VAL B 366 17.05 -19.99 -17.30
C VAL B 366 17.39 -18.61 -16.78
N LEU B 367 16.71 -18.20 -15.72
CA LEU B 367 17.00 -16.93 -15.07
C LEU B 367 18.47 -16.81 -14.75
N TRP B 368 18.99 -17.79 -14.01
CA TRP B 368 20.38 -17.87 -13.55
C TRP B 368 21.41 -17.78 -14.68
N GLU B 369 21.10 -18.37 -15.82
CA GLU B 369 21.95 -18.19 -16.98
C GLU B 369 21.91 -16.73 -17.43
N THR B 370 20.73 -16.14 -17.50
CA THR B 370 20.60 -14.70 -17.78
C THR B 370 21.40 -13.82 -16.79
N ILE B 371 21.35 -14.17 -15.51
CA ILE B 371 22.00 -13.38 -14.47
C ILE B 371 23.53 -13.51 -14.52
N LYS B 372 24.03 -14.75 -14.51
CA LYS B 372 25.47 -15.02 -14.67
C LYS B 372 25.99 -14.22 -15.87
N ASP B 373 25.36 -14.49 -17.00
CA ASP B 373 25.63 -13.92 -18.31
C ASP B 373 25.57 -12.39 -18.37
N ALA B 374 24.93 -11.77 -17.38
CA ALA B 374 24.71 -10.33 -17.38
C ALA B 374 25.79 -9.62 -16.57
N PHE B 375 26.33 -10.31 -15.58
CA PHE B 375 27.36 -9.78 -14.70
C PHE B 375 28.73 -10.12 -15.25
N SER B 376 28.76 -10.82 -16.37
CA SER B 376 30.02 -11.23 -16.98
C SER B 376 30.69 -10.10 -17.74
N ALA B 377 29.95 -9.00 -17.97
CA ALA B 377 30.52 -7.79 -18.56
C ALA B 377 31.44 -7.05 -17.57
N ILE B 378 31.49 -7.53 -16.34
CA ILE B 378 32.47 -7.09 -15.38
C ILE B 378 33.59 -8.12 -15.31
N PRO B 379 34.81 -7.71 -15.67
CA PRO B 379 36.00 -8.56 -15.53
C PRO B 379 36.35 -9.00 -14.09
N GLY B 380 36.79 -10.25 -13.96
CA GLY B 380 37.21 -10.77 -12.67
C GLY B 380 36.07 -11.16 -11.78
N VAL B 381 34.86 -11.19 -12.34
CA VAL B 381 33.66 -11.58 -11.61
C VAL B 381 33.78 -13.03 -11.18
N LYS B 382 33.01 -13.44 -10.17
CA LYS B 382 33.06 -14.83 -9.68
C LYS B 382 31.76 -15.28 -9.00
N PHE B 383 31.31 -16.48 -9.37
CA PHE B 383 30.00 -16.99 -8.97
C PHE B 383 30.03 -18.17 -7.99
N TYR B 384 29.37 -18.01 -6.85
CA TYR B 384 29.40 -19.01 -5.78
C TYR B 384 28.01 -19.43 -5.28
N PHE B 385 27.80 -20.74 -5.16
CA PHE B 385 26.65 -21.28 -4.43
C PHE B 385 27.13 -21.54 -2.99
N PRO B 386 26.19 -21.64 -2.03
CA PRO B 386 26.55 -21.80 -0.60
C PRO B 386 27.61 -22.85 -0.30
N GLU B 387 27.58 -23.93 -1.07
CA GLU B 387 28.48 -25.07 -0.93
C GLU B 387 29.95 -24.75 -1.27
N ASP B 388 30.14 -23.84 -2.22
CA ASP B 388 31.44 -23.44 -2.73
C ASP B 388 32.21 -22.51 -1.79
N THR B 389 31.72 -22.26 -0.58
CA THR B 389 32.31 -21.27 0.30
C THR B 389 32.75 -21.84 1.65
N PRO B 390 33.62 -21.13 2.38
CA PRO B 390 33.94 -21.46 3.78
C PRO B 390 32.70 -21.66 4.67
N GLU B 391 32.77 -22.54 5.67
CA GLU B 391 31.62 -22.83 6.51
C GLU B 391 31.13 -21.63 7.33
N ASN B 392 32.03 -20.71 7.64
CA ASN B 392 31.68 -19.52 8.41
C ASN B 392 31.25 -18.34 7.56
N SER B 393 31.14 -18.56 6.25
CA SER B 393 30.80 -17.51 5.30
C SER B 393 29.46 -16.85 5.61
N VAL B 394 29.39 -15.57 5.22
CA VAL B 394 28.16 -14.77 5.21
C VAL B 394 27.07 -15.38 4.32
N LEU B 395 27.43 -15.87 3.13
CA LEU B 395 26.49 -16.52 2.20
C LEU B 395 25.71 -17.67 2.84
N ARG B 396 26.37 -18.44 3.70
CA ARG B 396 25.77 -19.58 4.36
C ARG B 396 24.80 -19.14 5.44
N VAL B 397 25.06 -17.94 5.95
CA VAL B 397 24.15 -17.24 6.85
C VAL B 397 22.95 -16.69 6.05
N ARG B 398 23.21 -16.07 4.90
CA ARG B 398 22.15 -15.53 4.05
C ARG B 398 21.41 -16.59 3.21
N ASP B 399 21.99 -17.80 3.13
CA ASP B 399 21.32 -18.93 2.47
C ASP B 399 20.06 -19.23 3.26
N LYS B 400 20.08 -18.85 4.53
CA LYS B 400 18.97 -19.07 5.44
C LYS B 400 18.01 -17.91 5.47
N THR B 401 18.56 -16.70 5.39
CA THR B 401 17.78 -15.48 5.55
C THR B 401 16.84 -15.32 4.38
N MET B 402 17.26 -15.82 3.23
CA MET B 402 16.49 -15.64 2.02
C MET B 402 15.63 -16.87 1.76
N GLN B 403 15.39 -17.63 2.82
CA GLN B 403 14.52 -18.80 2.77
C GLN B 403 13.69 -18.89 4.04
N GLY B 404 13.65 -17.77 4.78
CA GLY B 404 12.75 -17.59 5.89
C GLY B 404 13.26 -18.08 7.24
N ILE B 405 14.55 -18.39 7.29
CA ILE B 405 15.15 -18.88 8.51
C ILE B 405 16.00 -17.79 9.17
N PRO B 406 15.72 -17.50 10.43
CA PRO B 406 16.47 -16.47 11.19
C PRO B 406 17.84 -16.92 11.70
N THR B 407 18.78 -15.99 11.78
CA THR B 407 20.03 -16.22 12.47
C THR B 407 20.30 -15.07 13.41
N TYR B 408 21.46 -15.11 14.05
CA TYR B 408 21.90 -14.09 14.98
C TYR B 408 23.35 -13.74 14.70
N ASP B 409 23.90 -14.42 13.70
CA ASP B 409 25.30 -14.33 13.34
C ASP B 409 25.71 -12.90 12.98
N GLU B 410 24.79 -12.15 12.37
CA GLU B 410 25.09 -10.81 11.83
C GLU B 410 25.27 -9.74 12.90
N LEU B 411 25.02 -10.12 14.15
CA LEU B 411 25.29 -9.24 15.29
C LEU B 411 26.78 -8.94 15.36
N LYS B 412 27.60 -9.89 14.90
CA LYS B 412 29.04 -9.80 15.05
C LYS B 412 29.67 -8.50 14.53
N TRP B 413 29.07 -7.89 13.50
CA TRP B 413 29.67 -6.69 12.94
C TRP B 413 29.55 -5.46 13.83
N ILE B 414 28.55 -5.44 14.70
CA ILE B 414 28.46 -4.37 15.68
C ILE B 414 29.77 -4.26 16.46
N ASP B 415 30.53 -5.34 16.54
CA ASP B 415 31.80 -5.31 17.25
C ASP B 415 32.99 -4.96 16.40
N TRP B 416 32.75 -4.14 15.39
CA TRP B 416 33.82 -3.65 14.55
C TRP B 416 34.72 -2.71 15.34
N LEU B 417 34.18 -2.13 16.40
CA LEU B 417 34.94 -1.27 17.32
C LEU B 417 34.59 -1.60 18.79
N PRO B 418 35.55 -1.33 19.70
CA PRO B 418 35.45 -1.70 21.11
C PRO B 418 34.06 -1.83 21.74
N ASN B 419 33.43 -0.75 22.19
CA ASN B 419 32.12 -0.92 22.83
C ASN B 419 31.06 -0.63 21.82
N GLY B 420 30.90 -1.59 20.93
CA GLY B 420 30.20 -1.39 19.69
C GLY B 420 28.74 -1.02 19.81
N ALA B 421 28.35 -0.08 18.95
CA ALA B 421 26.97 0.37 18.82
C ALA B 421 26.75 0.78 17.37
N HIS B 422 25.56 0.49 16.85
CA HIS B 422 25.24 0.94 15.50
C HIS B 422 24.19 2.05 15.44
N LEU B 423 24.28 2.82 14.38
CA LEU B 423 23.35 3.88 14.09
C LEU B 423 23.17 3.87 12.59
N PHE B 424 21.93 3.78 12.14
CA PHE B 424 21.66 3.67 10.72
C PHE B 424 21.36 5.01 10.09
N PHE B 425 22.07 5.29 9.01
CA PHE B 425 21.71 6.37 8.13
C PHE B 425 21.13 5.70 6.89
N SER B 426 19.83 5.93 6.63
CA SER B 426 19.11 5.16 5.61
C SER B 426 18.43 5.93 4.46
N PRO B 427 19.21 6.66 3.68
CA PRO B 427 18.68 7.32 2.48
C PRO B 427 18.15 6.31 1.44
N ILE B 428 17.48 6.84 0.43
CA ILE B 428 17.00 6.01 -0.64
C ILE B 428 17.71 6.48 -1.91
N ALA B 429 18.08 5.55 -2.79
CA ALA B 429 18.72 5.91 -4.05
C ALA B 429 17.97 5.32 -5.24
N LYS B 430 18.17 5.94 -6.40
CA LYS B 430 17.71 5.42 -7.68
C LYS B 430 18.38 4.07 -7.91
N VAL B 431 17.75 3.18 -8.67
CA VAL B 431 18.45 1.95 -9.10
C VAL B 431 19.24 2.30 -10.36
N SER B 432 20.26 3.15 -10.17
CA SER B 432 21.19 3.55 -11.22
C SER B 432 22.57 3.72 -10.58
N GLY B 433 23.58 3.09 -11.19
CA GLY B 433 24.94 3.16 -10.69
C GLY B 433 25.44 4.58 -10.49
N GLU B 434 25.11 5.48 -11.43
CA GLU B 434 25.47 6.88 -11.31
C GLU B 434 25.03 7.42 -9.95
N ASP B 435 23.73 7.33 -9.67
CA ASP B 435 23.15 7.85 -8.46
C ASP B 435 23.72 7.18 -7.21
N ALA B 436 23.98 5.89 -7.32
CA ALA B 436 24.47 5.06 -6.22
C ALA B 436 25.90 5.41 -5.87
N MET B 437 26.74 5.56 -6.90
CA MET B 437 28.09 6.08 -6.73
C MET B 437 28.03 7.42 -6.04
N MET B 438 27.19 8.31 -6.56
CA MET B 438 27.06 9.66 -6.02
C MET B 438 26.63 9.66 -4.56
N GLN B 439 25.67 8.83 -4.19
CA GLN B 439 25.30 8.70 -2.78
C GLN B 439 26.43 8.17 -1.93
N TYR B 440 27.18 7.23 -2.50
CA TYR B 440 28.33 6.61 -1.85
C TYR B 440 29.49 7.60 -1.60
N ALA B 441 29.81 8.40 -2.61
CA ALA B 441 30.89 9.41 -2.57
C ALA B 441 30.60 10.56 -1.61
N VAL B 442 29.32 10.94 -1.53
CA VAL B 442 28.81 11.93 -0.60
C VAL B 442 28.89 11.42 0.84
N THR B 443 28.57 10.14 1.04
CA THR B 443 28.65 9.46 2.35
C THR B 443 30.08 9.20 2.74
N LYS B 444 30.89 8.83 1.74
CA LYS B 444 32.26 8.46 2.00
C LYS B 444 33.05 9.69 2.45
N LYS B 445 32.83 10.81 1.78
CA LYS B 445 33.50 12.04 2.15
C LYS B 445 33.32 12.39 3.62
N ARG B 446 32.09 12.37 4.12
CA ARG B 446 31.84 12.84 5.47
C ARG B 446 32.34 11.82 6.49
N CYS B 447 32.19 10.54 6.19
CA CYS B 447 32.68 9.49 7.05
C CYS B 447 34.15 9.66 7.38
N GLN B 448 34.94 10.04 6.37
CA GLN B 448 36.38 10.22 6.58
C GLN B 448 36.62 11.39 7.51
N GLU B 449 35.97 12.51 7.21
CA GLU B 449 36.02 13.70 8.07
C GLU B 449 35.76 13.33 9.52
N ALA B 450 34.83 12.43 9.75
CA ALA B 450 34.46 12.05 11.11
C ALA B 450 35.41 10.98 11.68
N GLY B 451 36.32 10.51 10.83
CA GLY B 451 37.28 9.50 11.19
C GLY B 451 36.72 8.09 11.31
N LEU B 452 35.68 7.79 10.53
CA LEU B 452 34.97 6.53 10.63
C LEU B 452 35.14 5.77 9.35
N ASP B 453 35.15 4.46 9.45
CA ASP B 453 35.09 3.63 8.27
C ASP B 453 33.70 3.68 7.68
N TYR B 454 33.60 3.69 6.36
CA TYR B 454 32.33 3.52 5.71
C TYR B 454 31.90 2.04 5.66
N ILE B 455 30.72 1.75 6.22
CA ILE B 455 30.15 0.40 6.18
C ILE B 455 28.69 0.44 5.72
N GLY B 456 28.31 -0.44 4.81
CA GLY B 456 26.96 -0.38 4.25
C GLY B 456 26.51 -1.52 3.35
N THR B 457 25.20 -1.52 3.07
CA THR B 457 24.53 -2.33 2.04
C THR B 457 23.51 -1.45 1.37
N PHE B 458 23.32 -1.68 0.07
CA PHE B 458 22.10 -1.30 -0.65
C PHE B 458 21.18 -2.51 -0.74
N THR B 459 19.95 -2.35 -0.29
CA THR B 459 18.97 -3.42 -0.46
C THR B 459 18.05 -3.02 -1.59
N VAL B 460 17.94 -3.90 -2.57
CA VAL B 460 17.32 -3.59 -3.87
C VAL B 460 15.78 -3.74 -3.93
N GLY B 461 15.08 -2.65 -3.66
CA GLY B 461 13.67 -2.58 -4.01
C GLY B 461 13.42 -2.54 -5.52
N MET B 462 12.17 -2.66 -5.91
CA MET B 462 11.82 -2.74 -7.34
C MET B 462 12.38 -1.56 -8.16
N ARG B 463 12.21 -0.35 -7.64
CA ARG B 463 12.52 0.86 -8.36
C ARG B 463 13.39 1.79 -7.51
N GLU B 464 13.84 1.27 -6.38
CA GLU B 464 14.50 2.04 -5.33
C GLU B 464 15.54 1.17 -4.61
N MET B 465 16.50 1.81 -3.96
CA MET B 465 17.46 1.07 -3.17
C MET B 465 17.61 1.69 -1.78
N HIS B 466 17.35 0.91 -0.73
CA HIS B 466 17.56 1.35 0.67
C HIS B 466 19.05 1.26 0.98
N HIS B 467 19.70 2.42 1.11
CA HIS B 467 21.13 2.55 1.39
C HIS B 467 21.30 2.61 2.90
N ILE B 468 21.64 1.48 3.48
CA ILE B 468 21.85 1.42 4.92
C ILE B 468 23.33 1.67 5.26
N VAL B 469 23.65 2.92 5.56
CA VAL B 469 24.96 3.33 6.03
C VAL B 469 25.11 2.91 7.50
N CYS B 470 25.93 1.89 7.73
CA CYS B 470 26.09 1.27 9.04
C CYS B 470 27.13 1.92 9.95
N ILE B 471 26.78 3.04 10.58
CA ILE B 471 27.70 3.75 11.46
C ILE B 471 27.94 2.93 12.73
N VAL B 472 29.17 2.44 12.91
CA VAL B 472 29.52 1.87 14.23
C VAL B 472 30.47 2.76 14.99
N PHE B 473 30.28 2.80 16.30
CA PHE B 473 31.00 3.70 17.18
C PHE B 473 31.11 3.17 18.60
N ASN B 474 32.17 3.60 19.26
CA ASN B 474 32.42 3.27 20.64
C ASN B 474 31.52 4.07 21.59
N LYS B 475 30.45 3.43 22.08
CA LYS B 475 29.48 4.10 22.96
C LYS B 475 30.04 4.62 24.32
N LYS B 476 31.33 4.38 24.56
CA LYS B 476 31.98 4.87 25.76
C LYS B 476 33.10 5.85 25.43
N ASP B 477 33.01 6.45 24.24
CA ASP B 477 33.95 7.46 23.80
C ASP B 477 33.21 8.76 23.55
N LEU B 478 33.29 9.67 24.52
CA LEU B 478 32.61 10.95 24.42
C LEU B 478 32.98 11.76 23.17
N ILE B 479 34.27 11.83 22.81
CA ILE B 479 34.73 12.57 21.61
C ILE B 479 34.10 12.07 20.32
N GLN B 480 34.11 10.76 20.13
CA GLN B 480 33.62 10.12 18.92
C GLN B 480 32.08 10.11 18.76
N LYS B 481 31.36 9.90 19.84
CA LYS B 481 29.91 9.98 19.79
C LYS B 481 29.45 11.36 19.29
N ARG B 482 30.14 12.42 19.72
CA ARG B 482 29.92 13.77 19.23
C ARG B 482 30.23 13.87 17.73
N LYS B 483 31.36 13.28 17.33
CA LYS B 483 31.74 13.18 15.94
C LYS B 483 30.65 12.47 15.14
N VAL B 484 30.04 11.44 15.73
CA VAL B 484 28.93 10.70 15.08
C VAL B 484 27.68 11.58 14.93
N GLN B 485 27.31 12.31 15.99
CA GLN B 485 26.17 13.22 15.92
C GLN B 485 26.45 14.16 14.76
N TRP B 486 27.63 14.78 14.75
CA TRP B 486 28.00 15.64 13.64
C TRP B 486 27.86 14.92 12.30
N LEU B 487 28.39 13.71 12.20
CA LEU B 487 28.33 12.99 10.93
C LEU B 487 26.88 12.80 10.51
N MET B 488 26.04 12.36 11.44
CA MET B 488 24.65 12.12 11.13
C MET B 488 23.98 13.38 10.55
N ARG B 489 23.95 14.44 11.34
CA ARG B 489 23.32 15.73 10.97
C ARG B 489 23.80 16.34 9.64
N THR B 490 25.05 16.10 9.28
CA THR B 490 25.66 16.55 8.03
C THR B 490 25.23 15.70 6.85
N LEU B 491 25.26 14.39 7.01
CA LEU B 491 24.77 13.48 5.97
C LEU B 491 23.35 13.79 5.59
N ILE B 492 22.45 13.85 6.57
CA ILE B 492 21.05 14.22 6.33
C ILE B 492 20.99 15.41 5.38
N ASP B 493 21.75 16.45 5.69
CA ASP B 493 21.74 17.70 4.97
C ASP B 493 22.34 17.57 3.59
N ASP B 494 23.54 16.99 3.52
CA ASP B 494 24.19 16.67 2.24
C ASP B 494 23.28 15.89 1.27
N CYS B 495 22.62 14.85 1.78
CA CYS B 495 21.78 14.01 0.92
C CYS B 495 20.56 14.75 0.39
N ALA B 496 20.00 15.60 1.24
CA ALA B 496 18.88 16.48 0.92
C ALA B 496 19.19 17.48 -0.20
N ALA B 497 20.26 18.26 -0.01
CA ALA B 497 20.82 19.10 -1.08
C ALA B 497 21.12 18.29 -2.33
N ASN B 498 21.16 16.97 -2.20
CA ASN B 498 21.33 16.11 -3.36
C ASN B 498 20.07 15.34 -3.82
N GLY B 499 18.92 15.66 -3.23
CA GLY B 499 17.65 15.08 -3.62
C GLY B 499 17.29 13.73 -3.03
N TRP B 500 17.86 13.41 -1.88
CA TRP B 500 17.61 12.11 -1.21
C TRP B 500 17.07 12.32 0.19
N GLY B 501 16.03 11.54 0.51
CA GLY B 501 15.50 11.49 1.85
C GLY B 501 15.68 10.11 2.46
N GLU B 502 15.59 10.04 3.79
CA GLU B 502 15.78 8.80 4.50
C GLU B 502 14.44 8.12 4.78
N TYR B 503 14.41 6.80 4.87
CA TYR B 503 13.16 6.05 4.98
C TYR B 503 12.66 5.82 6.41
N ARG B 504 13.55 6.07 7.37
CA ARG B 504 13.34 5.70 8.76
C ARG B 504 14.60 6.20 9.50
N THR B 505 14.48 6.55 10.79
CA THR B 505 15.66 6.87 11.61
C THR B 505 15.51 6.87 13.10
N HIS B 506 16.57 7.39 13.72
CA HIS B 506 16.77 7.38 15.15
C HIS B 506 15.97 8.46 15.85
N LEU B 507 15.70 8.21 17.13
CA LEU B 507 15.02 9.12 18.05
C LEU B 507 15.52 10.56 18.05
N ALA B 508 16.83 10.75 18.06
CA ALA B 508 17.43 12.09 18.04
C ALA B 508 17.45 12.80 16.69
N PHE B 509 17.00 12.12 15.63
CA PHE B 509 17.10 12.69 14.27
C PHE B 509 15.80 12.72 13.51
N MET B 510 14.74 12.32 14.19
CA MET B 510 13.38 12.36 13.69
C MET B 510 13.02 13.77 13.24
N ASP B 511 13.26 14.75 14.12
CA ASP B 511 12.91 16.14 13.82
C ASP B 511 13.63 16.60 12.58
N GLN B 512 14.95 16.45 12.57
CA GLN B 512 15.71 16.88 11.41
C GLN B 512 15.27 16.26 10.11
N ILE B 513 15.10 14.95 10.10
CA ILE B 513 14.70 14.27 8.89
C ILE B 513 13.34 14.77 8.38
N MET B 514 12.37 14.90 9.28
CA MET B 514 11.07 15.43 8.89
C MET B 514 11.18 16.89 8.39
N GLU B 515 12.08 17.67 8.99
CA GLU B 515 12.29 19.03 8.55
C GLU B 515 12.89 19.00 7.14
N THR B 516 13.37 17.82 6.74
CA THR B 516 13.97 17.57 5.42
C THR B 516 12.91 17.53 4.32
N TYR B 517 11.72 17.06 4.68
CA TYR B 517 10.60 16.91 3.77
C TYR B 517 9.71 18.18 3.80
N ASN B 518 10.31 19.32 3.45
CA ASN B 518 9.63 20.61 3.59
C ASN B 518 9.05 21.19 2.29
N TRP B 519 8.74 20.34 1.33
CA TRP B 519 8.18 20.84 0.07
C TRP B 519 6.95 21.67 0.41
N ASN B 520 6.78 22.80 -0.31
CA ASN B 520 5.72 23.80 -0.09
C ASN B 520 5.48 24.18 1.38
N ASN B 521 6.54 24.65 2.04
CA ASN B 521 6.53 25.08 3.44
C ASN B 521 6.06 24.07 4.50
N SER B 522 6.42 22.80 4.29
CA SER B 522 6.10 21.73 5.24
C SER B 522 4.63 21.36 5.25
N SER B 523 3.96 21.57 4.13
CA SER B 523 2.60 21.09 3.98
C SER B 523 2.39 19.59 4.39
N PHE B 524 3.38 18.73 4.18
CA PHE B 524 3.31 17.37 4.68
C PHE B 524 3.19 17.31 6.23
N LEU B 525 4.13 17.92 6.96
CA LEU B 525 4.06 17.85 8.41
C LEU B 525 2.76 18.47 8.95
N ARG B 526 2.36 19.59 8.34
CA ARG B 526 1.27 20.40 8.88
C ARG B 526 -0.03 19.61 8.84
N PHE B 527 -0.25 18.96 7.70
CA PHE B 527 -1.40 18.09 7.51
C PHE B 527 -1.31 16.92 8.45
N ASN B 528 -0.11 16.38 8.65
CA ASN B 528 0.07 15.32 9.63
C ASN B 528 -0.28 15.76 11.04
N GLU B 529 0.22 16.94 11.44
CA GLU B 529 -0.09 17.50 12.75
C GLU B 529 -1.60 17.65 13.02
N VAL B 530 -2.33 18.12 12.00
CA VAL B 530 -3.77 18.32 12.05
C VAL B 530 -4.46 17.01 12.40
N LEU B 531 -4.06 15.94 11.70
CA LEU B 531 -4.63 14.60 11.92
C LEU B 531 -4.32 14.11 13.33
N LYS B 532 -3.08 14.27 13.75
CA LYS B 532 -2.69 13.89 15.10
C LYS B 532 -3.56 14.59 16.17
N ASN B 533 -3.56 15.91 16.21
CA ASN B 533 -4.38 16.61 17.21
C ASN B 533 -5.83 16.23 17.18
N ALA B 534 -6.29 15.60 16.10
CA ALA B 534 -7.70 15.30 15.97
C ALA B 534 -8.09 14.04 16.71
N VAL B 535 -7.24 13.03 16.63
CA VAL B 535 -7.48 11.69 17.15
C VAL B 535 -6.84 11.53 18.53
N ASP B 536 -5.90 12.42 18.83
CA ASP B 536 -5.25 12.42 20.13
C ASP B 536 -5.32 13.82 20.73
N PRO B 537 -6.49 14.20 21.22
CA PRO B 537 -6.69 15.55 21.79
C PRO B 537 -5.64 15.88 22.85
N ASN B 538 -5.54 15.05 23.88
CA ASN B 538 -4.60 15.25 25.00
C ASN B 538 -3.14 14.98 24.68
N GLY B 539 -2.88 14.41 23.52
CA GLY B 539 -1.54 14.12 23.08
C GLY B 539 -0.77 13.08 23.89
N ILE B 540 -1.29 11.88 23.99
CA ILE B 540 -0.57 10.87 24.79
C ILE B 540 0.15 9.72 24.06
N ILE B 541 -0.30 9.33 22.88
CA ILE B 541 0.38 8.25 22.16
C ILE B 541 1.64 8.79 21.52
N ALA B 542 2.78 8.28 21.96
CA ALA B 542 4.08 8.54 21.32
C ALA B 542 4.34 9.97 20.81
N PRO B 543 4.14 10.98 21.65
CA PRO B 543 4.46 12.36 21.25
C PRO B 543 5.90 12.46 20.71
N GLY B 544 6.04 13.04 19.51
CA GLY B 544 7.33 13.26 18.89
C GLY B 544 7.79 12.24 17.84
N LYS B 545 7.12 11.10 17.78
CA LYS B 545 7.46 10.09 16.78
C LYS B 545 7.36 10.71 15.41
N SER B 546 8.42 10.55 14.63
CA SER B 546 8.53 11.05 13.28
C SER B 546 8.43 12.58 13.16
N GLY B 547 8.62 13.29 14.28
CA GLY B 547 8.52 14.74 14.26
C GLY B 547 7.11 15.29 14.32
N VAL B 548 6.13 14.42 14.54
CA VAL B 548 4.76 14.84 14.63
C VAL B 548 4.42 15.13 16.09
N TRP B 549 4.36 16.39 16.45
CA TRP B 549 4.12 16.83 17.82
C TRP B 549 2.67 17.30 18.03
N PRO B 550 2.02 16.86 19.10
CA PRO B 550 0.69 17.37 19.48
C PRO B 550 0.79 18.80 20.00
N SER B 551 -0.28 19.59 19.90
CA SER B 551 -0.25 21.03 20.23
C SER B 551 0.22 21.38 21.66
N GLN B 552 0.04 20.46 22.59
CA GLN B 552 0.53 20.66 23.94
C GLN B 552 2.08 20.55 24.08
N TYR B 553 2.76 20.01 23.07
CA TYR B 553 4.22 19.98 23.09
C TYR B 553 4.77 21.11 22.26
N SER B 554 5.24 22.17 22.93
CA SER B 554 5.86 23.28 22.25
C SER B 554 6.93 22.78 21.27
N HIS B 555 7.04 23.43 20.11
CA HIS B 555 8.07 23.07 19.15
C HIS B 555 9.46 23.50 19.62
N VAL B 556 9.54 24.67 20.24
CA VAL B 556 10.80 25.24 20.75
C VAL B 556 11.39 24.35 21.84
N THR B 557 10.53 23.93 22.75
CA THR B 557 10.91 23.12 23.89
C THR B 557 11.39 21.74 23.44
N TRP B 558 10.70 21.14 22.49
CA TRP B 558 10.91 19.72 22.26
C TRP B 558 11.80 19.29 21.09
N LYS B 559 11.80 20.04 19.99
CA LYS B 559 12.57 19.68 18.78
C LYS B 559 14.08 19.52 18.95
N LEU B 560 14.71 18.74 18.07
CA LEU B 560 16.17 18.58 18.08
C LEU B 560 16.78 18.58 16.68
PA FAD C . -14.14 9.27 -12.80
O1A FAD C . -15.44 8.96 -13.47
O2A FAD C . -13.43 10.50 -13.41
O5B FAD C . -14.33 9.18 -11.26
C5B FAD C . -14.31 7.97 -10.12
C4B FAD C . -14.21 8.63 -8.77
O4B FAD C . -12.86 8.97 -8.55
C3B FAD C . -14.95 9.97 -8.64
O3B FAD C . -16.35 9.88 -8.52
C2B FAD C . -14.24 10.54 -7.43
O2B FAD C . -14.78 9.99 -6.23
C1B FAD C . -12.82 10.04 -7.63
N9A FAD C . -11.95 11.10 -8.20
C8A FAD C . -11.63 11.27 -9.53
N7A FAD C . -10.82 12.34 -9.64
C5A FAD C . -10.59 12.85 -8.42
C6A FAD C . -9.85 13.92 -8.00
N6A FAD C . -8.75 14.15 -8.70
N1A FAD C . -9.82 14.24 -6.66
C2A FAD C . -10.52 13.49 -5.74
N3A FAD C . -11.27 12.41 -6.17
C4A FAD C . -11.30 12.09 -7.49
N1 FAD C . -13.69 -0.42 -13.52
C2 FAD C . -12.51 -1.08 -13.16
O2 FAD C . -11.85 -0.73 -12.19
N3 FAD C . -12.08 -2.17 -13.91
C4 FAD C . -12.80 -2.62 -15.00
O4 FAD C . -12.14 -3.16 -15.86
C4X FAD C . -13.98 -1.98 -15.36
N5 FAD C . -14.69 -2.42 -16.45
C5X FAD C . -15.85 -1.79 -16.81
C6 FAD C . -16.60 -2.22 -17.90
C7 FAD C . -17.78 -1.58 -18.30
C7M FAD C . -18.37 -1.93 -19.66
C8 FAD C . -18.24 -0.46 -17.56
C8M FAD C . -19.38 0.44 -17.95
C9 FAD C . -17.48 -0.05 -16.47
C9A FAD C . -16.29 -0.69 -16.08
N10 FAD C . -15.57 -0.22 -14.97
C10 FAD C . -14.41 -0.87 -14.62
C1' FAD C . -15.97 1.04 -14.26
C2' FAD C . -15.44 2.31 -14.94
O2' FAD C . -15.77 2.35 -16.31
C3' FAD C . -13.93 2.49 -14.76
O3' FAD C . -13.48 2.11 -13.50
C4' FAD C . -13.50 3.92 -14.96
O4' FAD C . -12.11 3.97 -14.92
C5' FAD C . -13.97 4.81 -13.84
O5' FAD C . -14.17 6.07 -14.41
P FAD C . -13.06 7.23 -14.37
O1P FAD C . -11.69 6.68 -14.40
O2P FAD C . -13.31 8.18 -15.53
O3P FAD C . -13.24 7.96 -12.98
C1 EUG D . -15.28 -4.84 -13.82
C2 EUG D . -14.19 -4.86 -12.94
C3 EUG D . -14.12 -3.94 -11.88
C4 EUG D . -15.20 -2.95 -11.70
C5 EUG D . -16.27 -2.93 -12.59
C6 EUG D . -16.30 -3.88 -13.63
C7 EUG D . -15.32 -5.83 -14.93
C8 EUG D . -16.39 -6.01 -15.70
C9 EUG D . -13.04 -4.81 -9.92
O3 EUG D . -13.06 -3.94 -11.04
O4 EUG D . -15.13 -2.07 -10.70
PA FAD E . 10.13 -2.30 18.34
O1A FAD E . 11.42 -1.99 18.98
O2A FAD E . 9.11 -3.01 19.23
O5B FAD E . 9.50 -0.90 17.91
C5B FAD E . 9.82 -0.30 16.68
C4B FAD E . 9.07 1.02 16.56
O4B FAD E . 7.78 0.75 16.06
C3B FAD E . 8.89 1.75 17.88
O3B FAD E . 9.80 2.84 17.95
C2B FAD E . 7.43 2.18 17.89
O2B FAD E . 7.31 3.54 17.54
C1B FAD E . 6.75 1.36 16.82
N9A FAD E . 5.86 0.32 17.40
C8A FAD E . 6.24 -0.95 17.80
N7A FAD E . 5.15 -1.59 18.28
C5A FAD E . 4.08 -0.76 18.19
C6A FAD E . 2.75 -0.92 18.53
N6A FAD E . 2.30 -2.12 18.85
N1A FAD E . 1.87 0.13 18.32
C2A FAD E . 2.30 1.33 17.76
N3A FAD E . 3.64 1.47 17.43
C4A FAD E . 4.51 0.45 17.64
N1 FAD E . 15.68 -3.85 10.42
C2 FAD E . 15.05 -4.19 9.23
O2 FAD E . 13.89 -3.86 9.03
N3 FAD E . 15.75 -4.92 8.29
C4 FAD E . 17.06 -5.33 8.52
O4 FAD E . 17.45 -6.33 7.91
C4X FAD E . 17.67 -4.97 9.72
N5 FAD E . 18.98 -5.34 9.97
C5X FAD E . 19.57 -5.05 11.18
C6 FAD E . 20.87 -5.47 11.46
C7 FAD E . 21.49 -5.20 12.70
C7M FAD E . 22.71 -5.99 13.08
C8 FAD E . 20.79 -4.46 13.67
C8M FAD E . 21.47 -3.88 14.90
C9 FAD E . 19.49 -4.04 13.36
C9A FAD E . 18.86 -4.32 12.14
N10 FAD E . 17.56 -3.88 11.85
C10 FAD E . 17.00 -4.19 10.63
C1' FAD E . 16.84 -2.88 12.73
C2' FAD E . 16.02 -3.49 13.87
O2' FAD E . 16.85 -4.14 14.81
C3' FAD E . 14.93 -4.46 13.39
O3' FAD E . 14.27 -3.84 12.31
C4' FAD E . 13.92 -4.87 14.48
O4' FAD E . 13.11 -5.94 14.04
C5' FAD E . 13.03 -3.71 14.93
O5' FAD E . 12.75 -3.88 16.29
P FAD E . 11.33 -4.42 16.83
O1P FAD E . 10.74 -5.34 15.83
O2P FAD E . 11.56 -5.16 18.17
O3P FAD E . 10.38 -3.12 16.97
C1 EUG F . 19.36 -2.90 7.70
C2 EUG F . 18.33 -2.72 6.77
C3 EUG F . 17.32 -1.81 7.02
C4 EUG F . 17.35 -1.03 8.29
C5 EUG F . 18.38 -1.23 9.19
C6 EUG F . 19.37 -2.16 8.89
C7 EUG F . 20.43 -3.90 7.40
C8 EUG F . 21.69 -3.73 7.77
C9 EUG F . 16.30 -2.25 4.85
O3 EUG F . 16.30 -1.62 6.14
O4 EUG F . 16.39 -0.16 8.54
#